data_5JCN
#
_entry.id   5JCN
#
_cell.length_a   79.635
_cell.length_b   85.112
_cell.length_c   133.443
_cell.angle_alpha   90.000
_cell.angle_beta   90.000
_cell.angle_gamma   90.000
#
_symmetry.space_group_name_H-M   'P 21 21 21'
#
loop_
_entity.id
_entity.type
_entity.pdbx_description
1 polymer 'Os09g0567300 protein'
2 non-polymer 'FLAVIN-ADENINE DINUCLEOTIDE'
3 non-polymer NICOTINAMIDE-ADENINE-DINUCLEOTIDE
4 non-polymer 'ASCORBIC ACID'
5 water water
#
_entity_poly.entity_id   1
_entity_poly.type   'polypeptide(L)'
_entity_poly.pdbx_seq_one_letter_code
;HHHHHHASENLYFQGAMASEKHFKYVILGGGVAAGYAAREFAKQGVKPGELAIISKEAVAPYERPALSKGYLFPQNAARL
PGFHVCVGSGGERLLPEWYSEKGIELILSTEIVKADLASKTLTSAVGATFTYEILIIATGSSVIKLSDFGTQGADSNNIL
YLREVDDADKLVAAIQAKKGGKAVIVGGGYIGLELSAALKINDFDVTMVFPEPWCMPRLFTADIAAFYESYYTNKGVKIV
KGTVAVGFDADANGDVTAVNLKNGSVLEADIVVVGVGGRPLTTLFKGQVAEEKGGIKTDAFFETSVPGVYAVGDVATFPM
KMYNELRRVEHVDHARKSAEQAVKAIKGKESGESVVEYDYLPYFFSRSFDLGWQFYGDNVGDTILFGDSDPTSAKPKFGS
YWIKDGKVLGAFLEGGSPDENKAIAKVAKTQPPVANIEELKKEGLQFASKI
;
_entity_poly.pdbx_strand_id   A,B
#
loop_
_chem_comp.id
_chem_comp.type
_chem_comp.name
_chem_comp.formula
ASC L-saccharide 'ASCORBIC ACID' 'C6 H8 O6'
FAD non-polymer 'FLAVIN-ADENINE DINUCLEOTIDE' 'C27 H33 N9 O15 P2'
NAD non-polymer NICOTINAMIDE-ADENINE-DINUCLEOTIDE 'C21 H27 N7 O14 P2'
#
# COMPACT_ATOMS: atom_id res chain seq x y z
N GLU A 20 11.93 -50.31 27.77
CA GLU A 20 10.95 -49.32 28.32
C GLU A 20 11.59 -48.45 29.39
N LYS A 21 11.45 -47.12 29.26
CA LYS A 21 11.88 -46.16 30.30
C LYS A 21 10.69 -45.47 30.97
N HIS A 22 10.87 -45.09 32.24
CA HIS A 22 9.83 -44.42 33.03
C HIS A 22 10.43 -43.10 33.57
N PHE A 23 9.67 -42.00 33.45
CA PHE A 23 10.04 -40.72 34.10
C PHE A 23 8.81 -40.13 34.73
N LYS A 24 9.00 -39.51 35.89
CA LYS A 24 7.96 -38.69 36.50
C LYS A 24 7.50 -37.58 35.52
N TYR A 25 8.48 -36.85 34.98
CA TYR A 25 8.23 -35.75 34.00
C TYR A 25 8.71 -36.01 32.52
N VAL A 26 7.76 -36.01 31.58
CA VAL A 26 8.12 -36.14 30.17
C VAL A 26 7.68 -34.88 29.45
N ILE A 27 8.69 -34.23 28.84
CA ILE A 27 8.41 -33.21 27.81
C ILE A 27 8.46 -33.86 26.43
N LEU A 28 7.36 -33.70 25.72
CA LEU A 28 7.23 -34.16 24.34
C LEU A 28 7.36 -32.96 23.37
N GLY A 29 8.57 -32.85 22.79
CA GLY A 29 8.98 -31.75 21.92
C GLY A 29 10.34 -31.21 22.34
N GLY A 30 11.22 -30.91 21.40
CA GLY A 30 12.58 -30.40 21.73
C GLY A 30 12.81 -28.96 21.33
N GLY A 31 11.84 -28.13 21.63
CA GLY A 31 11.76 -26.80 21.08
C GLY A 31 11.88 -25.73 22.14
N VAL A 32 11.34 -24.57 21.79
CA VAL A 32 11.48 -23.41 22.62
C VAL A 32 10.79 -23.65 23.93
N ALA A 33 9.52 -24.05 23.92
CA ALA A 33 8.85 -24.34 25.19
C ALA A 33 9.56 -25.45 25.98
N ALA A 34 10.12 -26.43 25.30
CA ALA A 34 10.72 -27.53 26.03
C ALA A 34 11.99 -27.11 26.77
N GLY A 35 12.89 -26.42 26.07
CA GLY A 35 14.03 -25.79 26.69
C GLY A 35 13.72 -24.93 27.92
N TYR A 36 12.74 -24.06 27.79
CA TYR A 36 12.33 -23.14 28.88
C TYR A 36 11.59 -23.90 30.00
N ALA A 37 10.89 -24.97 29.65
CA ALA A 37 10.30 -25.85 30.67
C ALA A 37 11.45 -26.50 31.51
N ALA A 38 12.43 -27.06 30.82
CA ALA A 38 13.61 -27.65 31.44
C ALA A 38 14.32 -26.70 32.39
N ARG A 39 14.56 -25.47 31.93
CA ARG A 39 15.17 -24.48 32.81
C ARG A 39 14.32 -24.21 34.03
N GLU A 40 13.02 -24.08 33.86
CA GLU A 40 12.22 -23.89 35.06
C GLU A 40 12.20 -25.18 35.97
N PHE A 41 12.27 -26.38 35.37
CA PHE A 41 12.34 -27.63 36.15
C PHE A 41 13.53 -27.60 37.13
N ALA A 42 14.70 -27.25 36.58
CA ALA A 42 15.95 -27.09 37.32
C ALA A 42 15.93 -25.98 38.41
N LYS A 43 15.26 -24.87 38.13
CA LYS A 43 15.03 -23.76 39.09
C LYS A 43 14.19 -24.25 40.26
N GLN A 44 13.16 -25.02 39.94
CA GLN A 44 12.24 -25.55 40.95
C GLN A 44 12.73 -26.89 41.62
N GLY A 45 13.98 -27.29 41.34
CA GLY A 45 14.74 -28.31 42.11
C GLY A 45 14.59 -29.78 41.72
N VAL A 46 14.38 -30.01 40.42
CA VAL A 46 14.08 -31.34 39.94
C VAL A 46 15.31 -32.23 40.17
N LYS A 47 15.07 -33.52 40.40
CA LYS A 47 16.13 -34.42 40.86
C LYS A 47 16.55 -35.30 39.74
N PRO A 48 17.85 -35.63 39.66
CA PRO A 48 18.26 -36.41 38.49
C PRO A 48 17.34 -37.60 38.25
N GLY A 49 17.31 -38.06 37.01
CA GLY A 49 16.42 -39.13 36.58
C GLY A 49 14.93 -38.83 36.49
N GLU A 50 14.43 -37.75 37.12
CA GLU A 50 12.98 -37.47 37.12
C GLU A 50 12.34 -36.96 35.79
N LEU A 51 13.15 -36.37 34.89
CA LEU A 51 12.63 -35.62 33.71
C LEU A 51 13.31 -36.02 32.40
N ALA A 52 12.50 -36.29 31.38
CA ALA A 52 13.03 -36.43 30.02
C ALA A 52 12.30 -35.51 29.04
N ILE A 53 13.08 -35.12 28.04
CA ILE A 53 12.57 -34.34 26.90
C ILE A 53 12.74 -35.26 25.73
N ILE A 54 11.67 -35.48 24.99
CA ILE A 54 11.72 -36.34 23.83
C ILE A 54 11.50 -35.56 22.52
N SER A 55 12.48 -35.66 21.61
CA SER A 55 12.48 -34.86 20.40
C SER A 55 12.99 -35.52 19.15
N LYS A 56 12.25 -35.31 18.06
CA LYS A 56 12.66 -35.78 16.73
C LYS A 56 13.83 -35.04 16.13
N GLU A 57 14.18 -33.88 16.71
CA GLU A 57 15.33 -33.11 16.25
C GLU A 57 16.54 -33.79 16.88
N ALA A 58 17.68 -33.62 16.21
CA ALA A 58 18.98 -34.19 16.60
C ALA A 58 19.80 -33.25 17.49
N VAL A 59 19.17 -32.26 18.13
CA VAL A 59 19.94 -31.35 18.96
C VAL A 59 19.12 -30.84 20.08
N ALA A 60 19.81 -30.25 21.03
CA ALA A 60 19.13 -29.73 22.18
C ALA A 60 18.30 -28.49 21.77
N PRO A 61 17.25 -28.19 22.56
CA PRO A 61 16.37 -27.10 22.28
C PRO A 61 17.11 -25.80 22.02
N TYR A 62 16.55 -24.98 21.13
CA TYR A 62 17.18 -23.72 20.69
C TYR A 62 16.15 -22.62 20.42
N GLU A 63 16.63 -21.43 20.06
CA GLU A 63 15.81 -20.23 19.90
C GLU A 63 15.53 -20.15 18.41
N ARG A 64 14.38 -20.68 18.06
CA ARG A 64 13.95 -20.87 16.68
C ARG A 64 13.96 -19.56 15.85
N PRO A 65 13.56 -18.43 16.45
CA PRO A 65 13.64 -17.15 15.71
C PRO A 65 14.94 -16.87 14.95
N ALA A 66 16.04 -17.40 15.45
CA ALA A 66 17.30 -17.13 14.82
C ALA A 66 17.39 -17.75 13.46
N LEU A 67 16.53 -18.71 13.14
CA LEU A 67 16.66 -19.45 11.86
C LEU A 67 16.34 -18.64 10.61
N SER A 68 15.47 -17.65 10.76
CA SER A 68 15.12 -16.73 9.64
C SER A 68 15.91 -15.42 9.65
N LYS A 69 16.77 -15.27 10.66
CA LYS A 69 17.59 -14.06 10.84
C LYS A 69 19.09 -14.41 10.75
N GLY A 70 19.73 -14.62 11.91
CA GLY A 70 21.18 -14.73 12.04
C GLY A 70 21.68 -15.97 11.41
N TYR A 71 20.89 -17.05 11.53
CA TYR A 71 21.30 -18.27 10.85
C TYR A 71 21.65 -18.03 9.40
N LEU A 72 20.94 -17.10 8.73
CA LEU A 72 21.08 -16.91 7.28
C LEU A 72 22.07 -15.85 6.85
N PHE A 73 22.74 -15.15 7.78
CA PHE A 73 23.76 -14.13 7.39
C PHE A 73 24.92 -14.76 6.58
N PRO A 74 25.49 -14.02 5.59
CA PRO A 74 26.65 -14.58 4.83
C PRO A 74 27.98 -14.66 5.59
N GLN A 75 28.08 -13.97 6.71
CA GLN A 75 29.25 -13.93 7.55
C GLN A 75 28.76 -13.64 8.98
N ASN A 76 29.44 -14.18 10.01
CA ASN A 76 29.10 -13.91 11.42
C ASN A 76 27.71 -14.44 11.79
N ALA A 77 27.39 -15.60 11.21
CA ALA A 77 26.06 -16.23 11.27
C ALA A 77 25.91 -16.92 12.57
N ALA A 78 24.68 -16.93 13.08
CA ALA A 78 24.37 -17.83 14.21
C ALA A 78 24.50 -19.29 13.74
N ARG A 79 25.12 -20.08 14.63
CA ARG A 79 25.31 -21.49 14.43
C ARG A 79 25.10 -22.09 15.79
N LEU A 80 24.60 -23.29 15.83
CA LEU A 80 24.60 -24.04 17.07
C LEU A 80 26.06 -24.43 17.39
N PRO A 81 26.39 -24.53 18.68
CA PRO A 81 25.56 -24.40 19.86
C PRO A 81 25.28 -22.95 20.32
N GLY A 82 25.75 -21.93 19.60
CA GLY A 82 25.43 -20.56 19.95
C GLY A 82 24.01 -20.28 20.50
N PHE A 83 22.99 -20.55 19.68
CA PHE A 83 21.64 -20.01 20.01
C PHE A 83 20.72 -20.97 20.71
N HIS A 84 21.30 -21.94 21.43
CA HIS A 84 20.48 -22.83 22.27
C HIS A 84 19.73 -21.96 23.25
N VAL A 85 18.63 -22.45 23.80
CA VAL A 85 17.93 -21.65 24.82
C VAL A 85 18.86 -21.54 26.06
N CYS A 86 18.70 -20.60 26.97
CA CYS A 86 17.75 -19.47 26.96
C CYS A 86 18.32 -18.05 26.59
N VAL A 87 19.36 -18.02 25.77
CA VAL A 87 20.11 -16.80 25.40
C VAL A 87 19.13 -15.79 24.87
N GLY A 88 18.20 -16.31 24.06
CA GLY A 88 17.18 -15.52 23.38
C GLY A 88 16.47 -14.48 24.19
N SER A 89 16.33 -14.71 25.49
CA SER A 89 15.67 -13.78 26.39
C SER A 89 16.64 -13.24 27.45
N GLY A 90 17.95 -13.38 27.21
CA GLY A 90 18.98 -12.96 28.20
C GLY A 90 19.43 -14.02 29.20
N GLY A 91 18.74 -15.15 29.26
CA GLY A 91 19.17 -16.29 30.05
C GLY A 91 20.44 -17.00 29.67
N GLU A 92 20.88 -17.86 30.60
CA GLU A 92 21.95 -18.84 30.46
C GLU A 92 21.72 -19.76 29.27
N ARG A 93 22.82 -20.16 28.68
CA ARG A 93 22.82 -20.99 27.53
C ARG A 93 22.86 -22.46 28.03
N LEU A 94 21.75 -23.19 27.85
CA LEU A 94 21.64 -24.63 28.15
C LEU A 94 22.14 -25.54 27.02
N LEU A 95 23.42 -25.89 27.05
CA LEU A 95 23.99 -26.88 26.12
C LEU A 95 23.63 -28.32 26.54
N PRO A 96 23.87 -29.35 25.66
CA PRO A 96 23.54 -30.75 26.00
C PRO A 96 24.17 -31.16 27.33
N GLU A 97 25.43 -30.77 27.52
CA GLU A 97 26.07 -31.10 28.79
C GLU A 97 25.36 -30.50 30.02
N TRP A 98 24.69 -29.35 29.90
CA TRP A 98 23.87 -28.80 31.01
C TRP A 98 22.85 -29.81 31.51
N TYR A 99 22.25 -30.53 30.55
CA TYR A 99 21.13 -31.44 30.85
C TYR A 99 21.58 -32.75 31.57
N SER A 100 22.64 -33.38 31.08
CA SER A 100 23.15 -34.64 31.65
C SER A 100 23.81 -34.39 32.99
N GLU A 101 24.54 -33.28 33.06
CA GLU A 101 25.03 -32.66 34.30
C GLU A 101 23.96 -32.50 35.35
N LYS A 102 22.71 -32.30 34.93
CA LYS A 102 21.59 -32.20 35.87
C LYS A 102 20.72 -33.44 35.89
N GLY A 103 21.16 -34.48 35.19
CA GLY A 103 20.35 -35.67 34.95
C GLY A 103 18.99 -35.46 34.31
N ILE A 104 18.96 -34.60 33.29
CA ILE A 104 17.80 -34.43 32.44
C ILE A 104 18.12 -35.19 31.16
N GLU A 105 17.15 -35.93 30.68
CA GLU A 105 17.48 -36.88 29.69
C GLU A 105 17.08 -36.27 28.39
N LEU A 106 18.09 -36.08 27.55
CA LEU A 106 17.87 -35.64 26.19
C LEU A 106 17.77 -36.83 25.26
N ILE A 107 16.53 -37.15 24.92
CA ILE A 107 16.21 -38.26 24.06
C ILE A 107 15.98 -37.70 22.66
N LEU A 108 17.04 -37.68 21.86
CA LEU A 108 17.03 -37.04 20.55
C LEU A 108 16.77 -38.01 19.39
N SER A 109 16.67 -37.48 18.16
CA SER A 109 16.36 -38.23 16.94
C SER A 109 15.24 -39.24 17.13
N THR A 110 14.23 -38.86 17.91
CA THR A 110 13.19 -39.74 18.33
C THR A 110 11.81 -39.16 18.03
N GLU A 111 11.20 -39.60 16.91
CA GLU A 111 9.80 -39.26 16.63
C GLU A 111 8.83 -40.17 17.42
N ILE A 112 7.93 -39.55 18.18
CA ILE A 112 6.80 -40.24 18.83
C ILE A 112 5.63 -40.28 17.85
N VAL A 113 5.23 -41.50 17.45
CA VAL A 113 4.12 -41.71 16.49
C VAL A 113 2.82 -42.16 17.15
N LYS A 114 2.87 -42.54 18.42
CA LYS A 114 1.69 -42.97 19.20
C LYS A 114 1.73 -42.40 20.61
N ALA A 115 0.64 -41.77 21.08
CA ALA A 115 0.53 -41.28 22.49
C ALA A 115 -0.76 -41.72 23.22
N ASP A 116 -0.60 -42.62 24.21
CA ASP A 116 -1.74 -43.19 24.92
C ASP A 116 -1.85 -42.60 26.31
N LEU A 117 -2.73 -41.61 26.40
CA LEU A 117 -2.90 -40.86 27.62
C LEU A 117 -3.37 -41.82 28.69
N ALA A 118 -4.31 -42.69 28.32
CA ALA A 118 -4.75 -43.82 29.14
C ALA A 118 -3.58 -44.56 29.84
N SER A 119 -2.67 -45.16 29.09
CA SER A 119 -1.54 -45.86 29.73
C SER A 119 -0.38 -44.96 30.20
N LYS A 120 -0.57 -43.63 30.11
CA LYS A 120 0.50 -42.66 30.22
C LYS A 120 1.71 -43.18 29.47
N THR A 121 1.43 -43.61 28.23
CA THR A 121 2.42 -44.31 27.44
C THR A 121 2.59 -43.70 26.04
N LEU A 122 3.87 -43.59 25.65
CA LEU A 122 4.29 -43.02 24.36
C LEU A 122 5.17 -44.05 23.65
N THR A 123 4.98 -44.19 22.34
CA THR A 123 5.75 -45.14 21.51
C THR A 123 6.45 -44.40 20.40
N SER A 124 7.73 -44.72 20.17
CA SER A 124 8.53 -44.03 19.15
C SER A 124 8.18 -44.52 17.71
N ALA A 125 9.11 -44.38 16.78
CA ALA A 125 8.98 -44.92 15.43
C ALA A 125 9.74 -46.24 15.33
N VAL A 126 10.74 -46.40 16.19
CA VAL A 126 11.54 -47.61 16.32
C VAL A 126 10.77 -48.65 17.17
N GLY A 127 9.54 -48.32 17.57
CA GLY A 127 8.75 -49.18 18.42
C GLY A 127 8.99 -48.96 19.90
N ALA A 128 9.99 -48.16 20.28
CA ALA A 128 10.34 -47.98 21.72
C ALA A 128 9.20 -47.39 22.55
N THR A 129 9.33 -47.43 23.86
CA THR A 129 8.18 -47.19 24.71
C THR A 129 8.61 -46.28 25.90
N PHE A 130 7.72 -45.33 26.31
CA PHE A 130 8.04 -44.30 27.37
C PHE A 130 6.78 -43.98 28.21
N THR A 131 6.95 -43.97 29.54
CA THR A 131 5.87 -43.64 30.46
C THR A 131 6.18 -42.40 31.30
N TYR A 132 5.11 -41.71 31.68
CA TYR A 132 5.21 -40.50 32.45
C TYR A 132 4.18 -40.57 33.52
N GLU A 133 4.46 -39.87 34.62
CA GLU A 133 3.41 -39.44 35.54
C GLU A 133 2.76 -38.14 35.09
N ILE A 134 3.62 -37.25 34.57
CA ILE A 134 3.27 -35.89 34.23
C ILE A 134 3.86 -35.62 32.84
N LEU A 135 2.98 -35.33 31.88
CA LEU A 135 3.39 -35.08 30.50
C LEU A 135 3.24 -33.59 30.15
N ILE A 136 4.28 -33.04 29.49
CA ILE A 136 4.18 -31.71 28.84
C ILE A 136 4.25 -31.82 27.30
N ILE A 137 3.17 -31.32 26.65
CA ILE A 137 3.04 -31.35 25.21
C ILE A 137 3.55 -30.03 24.58
N ALA A 138 4.67 -30.12 23.88
CA ALA A 138 5.34 -28.95 23.29
C ALA A 138 5.82 -29.30 21.91
N THR A 139 4.91 -29.82 21.11
CA THR A 139 5.27 -30.35 19.77
C THR A 139 5.13 -29.26 18.72
N GLY A 140 4.70 -28.06 19.11
CA GLY A 140 4.84 -26.90 18.27
C GLY A 140 3.88 -26.99 17.09
N SER A 141 4.38 -26.61 15.91
CA SER A 141 3.56 -26.35 14.71
C SER A 141 4.23 -27.03 13.53
N SER A 142 3.39 -27.46 12.60
CA SER A 142 3.82 -28.02 11.34
C SER A 142 4.05 -26.89 10.36
N VAL A 143 4.61 -27.23 9.23
CA VAL A 143 4.70 -26.31 8.11
C VAL A 143 3.71 -26.73 7.03
N ILE A 144 2.92 -25.78 6.56
CA ILE A 144 2.01 -26.04 5.48
C ILE A 144 2.88 -26.15 4.23
N LYS A 145 2.71 -27.22 3.45
CA LYS A 145 3.50 -27.32 2.24
C LYS A 145 2.60 -27.26 1.03
N LEU A 146 3.10 -26.69 -0.06
CA LEU A 146 2.30 -26.63 -1.28
C LEU A 146 1.99 -28.02 -1.84
N SER A 147 2.82 -29.01 -1.50
CA SER A 147 2.55 -30.38 -1.84
C SER A 147 1.31 -30.90 -1.15
N ASP A 148 0.97 -30.32 0.01
CA ASP A 148 -0.26 -30.69 0.74
C ASP A 148 -1.47 -30.43 -0.12
N PHE A 149 -1.41 -29.36 -0.93
CA PHE A 149 -2.52 -28.95 -1.74
C PHE A 149 -2.58 -29.75 -3.05
N GLY A 150 -1.53 -30.53 -3.34
CA GLY A 150 -1.36 -31.18 -4.64
C GLY A 150 -0.91 -30.26 -5.77
N THR A 151 -0.29 -29.12 -5.46
CA THR A 151 0.18 -28.20 -6.49
C THR A 151 1.23 -28.91 -7.34
N GLN A 152 1.04 -28.75 -8.65
CA GLN A 152 1.82 -29.33 -9.74
C GLN A 152 3.29 -28.92 -9.63
N GLY A 153 4.20 -29.89 -9.54
CA GLY A 153 5.62 -29.60 -9.34
C GLY A 153 6.03 -29.02 -7.98
N ALA A 154 5.11 -28.97 -7.01
CA ALA A 154 5.51 -28.49 -5.68
C ALA A 154 6.56 -29.41 -4.98
N ASP A 155 6.80 -30.58 -5.56
CA ASP A 155 7.69 -31.60 -5.07
C ASP A 155 9.12 -31.42 -5.59
N SER A 156 9.34 -30.52 -6.54
CA SER A 156 10.68 -30.26 -7.06
C SER A 156 11.74 -29.92 -5.99
N ASN A 157 13.00 -29.96 -6.41
CA ASN A 157 14.14 -29.65 -5.57
C ASN A 157 14.36 -28.14 -5.55
N ASN A 158 14.81 -27.65 -4.42
CA ASN A 158 15.09 -26.24 -4.17
C ASN A 158 13.85 -25.41 -3.92
N ILE A 159 12.77 -26.09 -3.56
CA ILE A 159 11.54 -25.49 -3.04
C ILE A 159 11.65 -25.91 -1.61
N LEU A 160 11.85 -24.92 -0.73
CA LEU A 160 12.32 -25.16 0.63
C LEU A 160 11.39 -24.47 1.61
N TYR A 161 11.29 -25.05 2.79
CA TYR A 161 10.44 -24.55 3.85
C TYR A 161 11.37 -24.32 5.02
N LEU A 162 10.94 -23.57 6.01
CA LEU A 162 11.81 -23.20 7.09
C LEU A 162 11.02 -23.22 8.35
N ARG A 163 11.23 -24.32 9.07
CA ARG A 163 10.76 -24.44 10.40
C ARG A 163 11.88 -24.75 11.40
N GLU A 164 12.79 -25.65 11.02
CA GLU A 164 13.66 -26.38 11.96
C GLU A 164 15.10 -26.27 11.45
N VAL A 165 16.07 -26.51 12.31
CA VAL A 165 17.45 -26.21 11.97
C VAL A 165 17.96 -27.02 10.80
N ASP A 166 17.51 -28.27 10.60
CA ASP A 166 17.92 -29.02 9.37
C ASP A 166 17.38 -28.38 8.07
N ASP A 167 16.16 -27.86 8.13
CA ASP A 167 15.59 -27.03 7.02
C ASP A 167 16.50 -25.84 6.78
N ALA A 168 16.96 -25.22 7.87
CA ALA A 168 17.80 -24.01 7.76
C ALA A 168 19.14 -24.36 7.17
N ASP A 169 19.72 -25.49 7.58
CA ASP A 169 20.96 -26.00 6.91
C ASP A 169 20.75 -26.32 5.44
N LYS A 170 19.62 -26.93 5.08
CA LYS A 170 19.31 -27.10 3.62
C LYS A 170 19.18 -25.73 2.90
N LEU A 171 18.58 -24.74 3.57
CA LEU A 171 18.44 -23.42 2.96
C LEU A 171 19.81 -22.77 2.76
N VAL A 172 20.70 -22.87 3.76
CA VAL A 172 22.09 -22.33 3.65
C VAL A 172 22.87 -23.02 2.50
N ALA A 173 22.69 -24.33 2.33
CA ALA A 173 23.39 -25.02 1.24
C ALA A 173 22.89 -24.58 -0.12
N ALA A 174 21.59 -24.41 -0.28
CA ALA A 174 21.09 -23.94 -1.58
C ALA A 174 21.48 -22.50 -1.83
N ILE A 175 21.62 -21.72 -0.77
CA ILE A 175 22.05 -20.34 -0.94
C ILE A 175 23.47 -20.37 -1.45
N GLN A 176 24.33 -21.21 -0.84
CA GLN A 176 25.74 -21.41 -1.29
C GLN A 176 25.79 -21.80 -2.75
N ALA A 177 25.08 -22.88 -3.09
CA ALA A 177 25.08 -23.43 -4.45
C ALA A 177 24.48 -22.51 -5.52
N LYS A 178 23.60 -21.56 -5.13
CA LYS A 178 22.84 -20.78 -6.11
C LYS A 178 23.11 -19.29 -6.09
N LYS A 179 24.22 -18.86 -5.48
CA LYS A 179 24.50 -17.42 -5.35
C LYS A 179 24.53 -16.65 -6.64
N GLY A 180 24.14 -15.39 -6.54
CA GLY A 180 23.85 -14.58 -7.72
C GLY A 180 22.69 -15.03 -8.59
N GLY A 181 21.92 -16.02 -8.13
CA GLY A 181 20.73 -16.45 -8.86
C GLY A 181 19.43 -15.71 -8.49
N LYS A 182 18.33 -16.34 -8.88
CA LYS A 182 16.97 -15.87 -8.70
C LYS A 182 16.20 -16.61 -7.59
N ALA A 183 15.62 -15.84 -6.67
CA ALA A 183 14.87 -16.40 -5.57
C ALA A 183 13.45 -15.88 -5.61
N VAL A 184 12.50 -16.79 -5.34
CA VAL A 184 11.10 -16.47 -5.23
C VAL A 184 10.63 -16.84 -3.85
N ILE A 185 9.90 -15.92 -3.23
CA ILE A 185 9.51 -16.14 -1.86
C ILE A 185 8.02 -16.22 -1.99
N VAL A 186 7.48 -17.38 -1.68
CA VAL A 186 6.05 -17.49 -1.74
C VAL A 186 5.45 -17.30 -0.35
N GLY A 187 4.73 -16.20 -0.18
CA GLY A 187 4.07 -15.82 1.09
C GLY A 187 4.44 -14.41 1.57
N GLY A 188 3.47 -13.70 2.19
CA GLY A 188 3.66 -12.31 2.78
C GLY A 188 3.42 -12.16 4.29
N GLY A 189 3.63 -13.26 5.01
CA GLY A 189 3.59 -13.23 6.45
C GLY A 189 5.01 -12.98 6.91
N TYR A 190 5.32 -13.50 8.09
CA TYR A 190 6.53 -13.17 8.82
C TYR A 190 7.69 -13.76 8.08
N ILE A 191 7.49 -14.99 7.60
CA ILE A 191 8.51 -15.80 6.97
C ILE A 191 8.93 -15.07 5.70
N GLY A 192 7.96 -14.72 4.92
CA GLY A 192 8.21 -14.03 3.65
C GLY A 192 8.98 -12.75 3.81
N LEU A 193 8.57 -11.94 4.79
CA LEU A 193 9.25 -10.70 5.14
C LEU A 193 10.71 -10.88 5.42
N GLU A 194 11.00 -11.79 6.34
CA GLU A 194 12.39 -12.05 6.78
C GLU A 194 13.18 -12.82 5.72
N LEU A 195 12.51 -13.71 5.02
CA LEU A 195 13.27 -14.57 4.11
C LEU A 195 13.58 -13.84 2.84
N SER A 196 12.66 -12.96 2.42
CA SER A 196 12.93 -12.03 1.33
C SER A 196 14.12 -11.17 1.65
N ALA A 197 14.22 -10.68 2.88
CA ALA A 197 15.37 -9.84 3.20
C ALA A 197 16.68 -10.63 3.23
N ALA A 198 16.59 -11.84 3.75
CA ALA A 198 17.77 -12.65 3.99
C ALA A 198 18.29 -13.10 2.66
N LEU A 199 17.38 -13.44 1.76
CA LEU A 199 17.89 -13.88 0.46
C LEU A 199 18.55 -12.70 -0.23
N LYS A 200 18.03 -11.50 0.04
CA LYS A 200 18.44 -10.33 -0.68
C LYS A 200 19.85 -9.99 -0.23
N ILE A 201 20.04 -9.96 1.08
CA ILE A 201 21.36 -9.88 1.72
C ILE A 201 22.37 -10.93 1.27
N ASN A 202 21.94 -12.13 0.93
CA ASN A 202 22.85 -13.11 0.35
C ASN A 202 22.97 -13.00 -1.18
N ASP A 203 22.79 -11.80 -1.75
CA ASP A 203 23.05 -11.55 -3.18
C ASP A 203 22.17 -12.39 -4.18
N PHE A 204 20.85 -12.35 -4.00
CA PHE A 204 19.89 -12.96 -4.92
C PHE A 204 19.06 -11.85 -5.51
N ASP A 205 18.58 -12.07 -6.71
CA ASP A 205 17.51 -11.30 -7.26
C ASP A 205 16.27 -11.97 -6.61
N VAL A 206 15.51 -11.19 -5.88
CA VAL A 206 14.38 -11.67 -5.12
C VAL A 206 13.03 -11.15 -5.60
N THR A 207 12.06 -12.05 -5.76
CA THR A 207 10.67 -11.63 -5.88
C THR A 207 9.87 -12.26 -4.80
N MET A 208 9.07 -11.45 -4.10
CA MET A 208 8.03 -11.91 -3.16
C MET A 208 6.69 -12.04 -3.89
N VAL A 209 5.95 -13.13 -3.65
CA VAL A 209 4.60 -13.38 -4.18
C VAL A 209 3.58 -13.72 -3.07
N PHE A 210 2.42 -13.05 -3.06
CA PHE A 210 1.33 -13.32 -2.10
C PHE A 210 -0.06 -12.79 -2.54
N PRO A 211 -1.15 -13.46 -2.09
CA PRO A 211 -2.51 -13.10 -2.60
C PRO A 211 -3.16 -11.91 -1.92
N GLU A 212 -2.70 -11.54 -0.74
CA GLU A 212 -3.40 -10.50 0.04
C GLU A 212 -3.18 -9.10 -0.57
N PRO A 213 -3.99 -8.10 -0.15
CA PRO A 213 -3.80 -6.72 -0.65
C PRO A 213 -2.46 -6.04 -0.30
N TRP A 214 -1.85 -6.45 0.80
CA TRP A 214 -0.58 -5.89 1.27
C TRP A 214 -0.06 -6.91 2.28
N CYS A 215 1.24 -6.90 2.62
CA CYS A 215 1.84 -7.97 3.48
C CYS A 215 1.43 -7.87 4.98
N MET A 216 1.57 -8.96 5.76
CA MET A 216 1.16 -9.00 7.18
C MET A 216 -0.25 -8.45 7.40
N PRO A 217 -1.23 -8.77 6.54
CA PRO A 217 -2.55 -8.05 6.69
C PRO A 217 -3.30 -8.32 7.98
N ARG A 218 -3.00 -9.45 8.62
CA ARG A 218 -3.46 -9.72 9.98
C ARG A 218 -2.92 -8.77 11.09
N LEU A 219 -1.82 -8.03 10.83
CA LEU A 219 -1.28 -7.03 11.78
C LEU A 219 -1.06 -5.63 11.19
N PHE A 220 -0.36 -5.55 10.07
CA PHE A 220 -0.06 -4.25 9.46
C PHE A 220 -1.36 -3.63 8.94
N THR A 221 -1.63 -2.38 9.32
CA THR A 221 -2.53 -1.49 8.57
C THR A 221 -1.98 -1.16 7.21
N ALA A 222 -2.84 -0.53 6.38
CA ALA A 222 -2.44 -0.07 5.04
C ALA A 222 -1.29 0.87 5.14
N ASP A 223 -1.34 1.79 6.09
CA ASP A 223 -0.20 2.71 6.27
C ASP A 223 1.09 2.00 6.60
N ILE A 224 1.07 1.18 7.64
CA ILE A 224 2.27 0.41 8.05
C ILE A 224 2.81 -0.45 6.91
N ALA A 225 1.94 -1.20 6.23
CA ALA A 225 2.36 -2.02 5.09
C ALA A 225 2.97 -1.24 3.99
N ALA A 226 2.43 -0.08 3.69
CA ALA A 226 3.00 0.73 2.61
C ALA A 226 4.42 1.17 2.92
N PHE A 227 4.69 1.54 4.16
CA PHE A 227 6.09 1.75 4.51
C PHE A 227 6.96 0.53 4.17
N TYR A 228 6.62 -0.65 4.72
CA TYR A 228 7.51 -1.81 4.54
C TYR A 228 7.64 -2.16 3.13
N GLU A 229 6.57 -1.98 2.34
CA GLU A 229 6.63 -2.29 0.87
C GLU A 229 7.53 -1.32 0.12
N SER A 230 7.49 -0.05 0.48
CA SER A 230 8.38 0.90 -0.23
C SER A 230 9.83 0.66 0.11
N TYR A 231 10.07 0.33 1.37
CA TYR A 231 11.43 0.12 1.81
C TYR A 231 11.99 -1.12 1.13
N TYR A 232 11.22 -2.20 1.07
CA TYR A 232 11.63 -3.40 0.35
C TYR A 232 11.88 -3.20 -1.13
N THR A 233 11.02 -2.38 -1.73
CA THR A 233 11.17 -1.97 -3.12
C THR A 233 12.39 -1.13 -3.30
N ASN A 234 12.61 -0.21 -2.39
CA ASN A 234 13.81 0.59 -2.43
C ASN A 234 15.10 -0.25 -2.31
N LYS A 235 15.05 -1.36 -1.56
CA LYS A 235 16.16 -2.31 -1.43
C LYS A 235 16.24 -3.33 -2.56
N GLY A 236 15.40 -3.22 -3.58
CA GLY A 236 15.53 -4.08 -4.77
C GLY A 236 14.62 -5.28 -4.76
N VAL A 237 13.77 -5.41 -3.75
CA VAL A 237 12.88 -6.56 -3.74
C VAL A 237 11.64 -6.31 -4.58
N LYS A 238 11.35 -7.18 -5.54
CA LYS A 238 10.18 -7.07 -6.39
C LYS A 238 8.97 -7.74 -5.72
N ILE A 239 7.83 -7.07 -5.71
CA ILE A 239 6.65 -7.60 -5.02
C ILE A 239 5.51 -7.87 -5.95
N VAL A 240 5.01 -9.10 -5.96
CA VAL A 240 3.87 -9.50 -6.79
C VAL A 240 2.71 -9.86 -5.87
N LYS A 241 1.63 -9.10 -5.96
CA LYS A 241 0.47 -9.27 -5.06
C LYS A 241 -0.74 -9.73 -5.78
N GLY A 242 -1.78 -10.10 -5.06
CA GLY A 242 -3.05 -10.44 -5.73
C GLY A 242 -3.04 -11.78 -6.46
N THR A 243 -2.03 -12.62 -6.23
CA THR A 243 -1.97 -13.92 -6.95
C THR A 243 -1.37 -15.03 -6.09
N VAL A 244 -1.29 -16.22 -6.66
CA VAL A 244 -0.67 -17.34 -5.99
C VAL A 244 0.08 -18.22 -6.96
N ALA A 245 1.07 -18.92 -6.46
CA ALA A 245 1.74 -19.96 -7.17
C ALA A 245 0.79 -21.11 -7.47
N VAL A 246 0.55 -21.42 -8.74
CA VAL A 246 -0.32 -22.54 -9.09
C VAL A 246 0.49 -23.69 -9.63
N GLY A 247 1.81 -23.60 -9.59
CA GLY A 247 2.67 -24.65 -10.15
C GLY A 247 4.07 -24.18 -10.44
N PHE A 248 4.94 -25.17 -10.62
CA PHE A 248 6.38 -24.98 -10.78
C PHE A 248 6.88 -25.80 -11.93
N ASP A 249 7.70 -25.18 -12.78
CA ASP A 249 8.48 -25.93 -13.78
C ASP A 249 9.73 -26.46 -13.18
N ALA A 250 10.18 -27.56 -13.75
CA ALA A 250 11.42 -28.14 -13.36
C ALA A 250 12.21 -28.58 -14.57
N ASP A 251 13.50 -28.83 -14.34
CA ASP A 251 14.46 -29.30 -15.34
C ASP A 251 14.56 -30.83 -15.27
N ALA A 252 15.37 -31.40 -16.16
CA ALA A 252 15.51 -32.87 -16.31
C ALA A 252 15.92 -33.54 -15.02
N ASN A 253 16.76 -32.84 -14.27
CA ASN A 253 17.21 -33.32 -12.98
C ASN A 253 16.16 -33.22 -11.87
N GLY A 254 15.05 -32.49 -12.13
CA GLY A 254 13.96 -32.30 -11.17
C GLY A 254 14.09 -31.06 -10.26
N ASP A 255 15.04 -30.18 -10.58
CA ASP A 255 15.31 -28.95 -9.85
C ASP A 255 14.34 -27.91 -10.36
N VAL A 256 13.72 -27.14 -9.46
CA VAL A 256 12.81 -26.06 -9.90
C VAL A 256 13.51 -25.08 -10.83
N THR A 257 12.81 -24.64 -11.87
CA THR A 257 13.31 -23.60 -12.77
C THR A 257 12.39 -22.40 -12.91
N ALA A 258 11.13 -22.54 -12.52
CA ALA A 258 10.22 -21.41 -12.57
C ALA A 258 8.98 -21.64 -11.71
N VAL A 259 8.33 -20.54 -11.40
CA VAL A 259 7.10 -20.55 -10.63
C VAL A 259 6.01 -20.00 -11.52
N ASN A 260 4.96 -20.81 -11.73
CA ASN A 260 3.82 -20.38 -12.52
C ASN A 260 2.77 -19.84 -11.56
N LEU A 261 2.23 -18.68 -11.93
CA LEU A 261 1.30 -17.91 -11.12
C LEU A 261 -0.11 -17.98 -11.73
N LYS A 262 -1.10 -17.73 -10.89
CA LYS A 262 -2.51 -17.82 -11.30
C LYS A 262 -2.86 -16.70 -12.28
N ASN A 263 -2.17 -15.57 -12.20
CA ASN A 263 -2.33 -14.51 -13.21
C ASN A 263 -1.63 -14.76 -14.58
N GLY A 264 -1.11 -15.97 -14.85
CA GLY A 264 -0.50 -16.29 -16.14
C GLY A 264 0.99 -15.96 -16.32
N SER A 265 1.55 -15.04 -15.54
CA SER A 265 3.02 -14.86 -15.52
C SER A 265 3.77 -16.04 -14.94
N VAL A 266 5.06 -16.07 -15.30
CA VAL A 266 6.00 -17.07 -14.91
C VAL A 266 7.18 -16.30 -14.32
N LEU A 267 7.73 -16.80 -13.22
CA LEU A 267 8.88 -16.17 -12.55
C LEU A 267 9.93 -17.20 -12.52
N GLU A 268 11.07 -16.91 -13.15
CA GLU A 268 12.18 -17.86 -13.15
C GLU A 268 12.73 -17.92 -11.77
N ALA A 269 13.25 -19.07 -11.42
CA ALA A 269 13.75 -19.27 -10.09
C ALA A 269 14.76 -20.40 -9.99
N ASP A 270 15.74 -20.20 -9.11
CA ASP A 270 16.73 -21.19 -8.75
C ASP A 270 16.47 -21.70 -7.32
N ILE A 271 15.93 -20.82 -6.47
CA ILE A 271 15.44 -21.14 -5.12
C ILE A 271 14.01 -20.59 -4.96
N VAL A 272 13.17 -21.37 -4.30
CA VAL A 272 11.86 -20.94 -3.89
C VAL A 272 11.80 -21.25 -2.41
N VAL A 273 11.46 -20.24 -1.61
CA VAL A 273 11.20 -20.37 -0.21
C VAL A 273 9.76 -20.06 0.08
N VAL A 274 9.07 -21.00 0.71
CA VAL A 274 7.64 -20.89 0.90
C VAL A 274 7.37 -20.67 2.38
N GLY A 275 6.56 -19.66 2.68
CA GLY A 275 6.10 -19.42 4.05
C GLY A 275 4.62 -19.18 3.96
N VAL A 276 3.83 -20.25 3.97
CA VAL A 276 2.38 -20.17 3.82
C VAL A 276 1.67 -20.73 5.05
N GLY A 277 2.30 -20.53 6.20
CA GLY A 277 1.64 -20.73 7.48
C GLY A 277 1.96 -22.04 8.16
N GLY A 278 1.36 -22.20 9.33
CA GLY A 278 1.63 -23.35 10.18
C GLY A 278 0.39 -23.72 10.94
N ARG A 279 0.32 -24.99 11.30
CA ARG A 279 -0.74 -25.53 12.13
C ARG A 279 -0.20 -26.25 13.38
N PRO A 280 -0.95 -26.17 14.49
CA PRO A 280 -0.52 -26.85 15.70
C PRO A 280 -0.31 -28.37 15.52
N LEU A 281 0.84 -28.90 15.91
CA LEU A 281 1.15 -30.31 15.73
C LEU A 281 0.46 -31.16 16.80
N THR A 282 -0.86 -31.34 16.63
CA THR A 282 -1.73 -32.01 17.62
C THR A 282 -2.26 -33.46 17.29
N THR A 283 -1.80 -34.10 16.22
CA THR A 283 -2.48 -35.32 15.72
C THR A 283 -2.33 -36.51 16.61
N LEU A 284 -1.18 -36.67 17.25
CA LEU A 284 -1.01 -37.59 18.34
C LEU A 284 -2.13 -37.58 19.44
N PHE A 285 -2.93 -36.53 19.49
CA PHE A 285 -3.93 -36.38 20.54
C PHE A 285 -5.35 -36.14 20.04
N LYS A 286 -5.61 -36.16 18.74
CA LYS A 286 -7.01 -36.09 18.29
C LYS A 286 -7.89 -37.11 19.07
N GLY A 287 -9.08 -36.64 19.50
CA GLY A 287 -10.00 -37.42 20.32
C GLY A 287 -9.73 -37.30 21.83
N GLN A 288 -8.53 -37.70 22.23
CA GLN A 288 -8.13 -37.84 23.65
C GLN A 288 -8.17 -36.55 24.51
N VAL A 289 -8.21 -35.37 23.89
CA VAL A 289 -8.16 -34.08 24.62
C VAL A 289 -9.09 -33.05 23.97
N ALA A 290 -9.80 -32.25 24.77
CA ALA A 290 -10.66 -31.19 24.23
C ALA A 290 -9.87 -30.15 23.42
N GLU A 291 -10.31 -29.93 22.18
CA GLU A 291 -9.68 -28.96 21.28
C GLU A 291 -10.56 -27.80 21.10
N GLU A 292 -9.97 -26.68 20.71
CA GLU A 292 -10.73 -25.47 20.42
C GLU A 292 -9.80 -24.48 19.70
N LYS A 293 -10.38 -23.69 18.79
CA LYS A 293 -9.69 -22.77 17.87
C LYS A 293 -8.44 -23.34 17.21
N GLY A 294 -8.41 -24.64 16.97
CA GLY A 294 -7.26 -25.31 16.35
C GLY A 294 -6.25 -25.89 17.32
N GLY A 295 -6.35 -25.55 18.59
CA GLY A 295 -5.37 -25.97 19.58
C GLY A 295 -5.98 -26.87 20.63
N ILE A 296 -5.12 -27.44 21.46
CA ILE A 296 -5.55 -28.19 22.62
C ILE A 296 -6.03 -27.19 23.64
N LYS A 297 -7.32 -27.21 23.97
CA LYS A 297 -7.85 -26.36 25.03
C LYS A 297 -7.09 -26.55 26.36
N THR A 298 -6.69 -25.45 27.01
CA THR A 298 -6.17 -25.51 28.38
C THR A 298 -6.76 -24.42 29.29
N ASP A 299 -6.60 -24.60 30.60
CA ASP A 299 -6.87 -23.53 31.61
C ASP A 299 -5.68 -22.57 31.73
N ALA A 300 -5.77 -21.59 32.64
CA ALA A 300 -4.70 -20.60 32.87
C ALA A 300 -3.39 -21.15 33.46
N PHE A 301 -3.32 -22.47 33.62
CA PHE A 301 -2.11 -23.18 34.03
C PHE A 301 -1.58 -24.18 32.98
N PHE A 302 -2.21 -24.26 31.81
CA PHE A 302 -1.76 -25.12 30.67
C PHE A 302 -1.98 -26.64 30.85
N GLU A 303 -2.94 -26.97 31.71
CA GLU A 303 -3.36 -28.34 31.87
C GLU A 303 -4.49 -28.58 30.88
N THR A 304 -4.38 -29.67 30.14
CA THR A 304 -5.42 -30.15 29.23
C THR A 304 -6.52 -30.82 30.00
N SER A 305 -7.66 -31.04 29.33
CA SER A 305 -8.79 -31.93 29.81
C SER A 305 -8.38 -33.14 30.64
N VAL A 306 -7.19 -33.66 30.35
CA VAL A 306 -6.61 -34.79 31.03
C VAL A 306 -5.69 -34.33 32.19
N PRO A 307 -6.06 -34.71 33.42
CA PRO A 307 -5.21 -34.45 34.59
C PRO A 307 -3.76 -34.95 34.39
N GLY A 308 -2.78 -34.09 34.70
CA GLY A 308 -1.34 -34.41 34.55
C GLY A 308 -0.84 -34.36 33.12
N VAL A 309 -1.69 -33.88 32.22
CA VAL A 309 -1.27 -33.66 30.85
C VAL A 309 -1.34 -32.17 30.56
N TYR A 310 -0.21 -31.61 30.16
CA TYR A 310 -0.12 -30.20 29.86
C TYR A 310 0.18 -29.93 28.41
N ALA A 311 -0.26 -28.77 27.93
CA ALA A 311 -0.05 -28.33 26.56
C ALA A 311 0.44 -26.88 26.57
N VAL A 312 1.56 -26.64 25.90
CA VAL A 312 2.19 -25.34 25.94
C VAL A 312 2.62 -24.85 24.55
N GLY A 313 2.92 -23.57 24.42
CA GLY A 313 3.52 -23.03 23.16
C GLY A 313 2.46 -22.84 22.06
N ASP A 314 2.85 -23.15 20.84
CA ASP A 314 1.94 -22.92 19.71
C ASP A 314 0.64 -23.77 19.79
N VAL A 315 0.67 -24.88 20.55
CA VAL A 315 -0.45 -25.87 20.53
C VAL A 315 -1.62 -25.54 21.40
N ALA A 316 -1.45 -24.60 22.32
CA ALA A 316 -2.43 -24.36 23.37
C ALA A 316 -3.46 -23.34 22.95
N THR A 317 -4.72 -23.61 23.25
CA THR A 317 -5.67 -22.53 23.32
C THR A 317 -5.89 -22.35 24.82
N PHE A 318 -5.77 -21.12 25.30
CA PHE A 318 -5.75 -20.86 26.76
C PHE A 318 -6.52 -19.59 27.04
N PRO A 319 -6.94 -19.36 28.31
CA PRO A 319 -7.73 -18.14 28.55
C PRO A 319 -6.83 -16.91 28.58
N MET A 320 -7.29 -15.83 27.98
CA MET A 320 -6.53 -14.62 27.90
C MET A 320 -7.28 -13.64 28.77
N LYS A 321 -7.04 -13.79 30.08
CA LYS A 321 -7.61 -12.93 31.13
C LYS A 321 -7.91 -11.53 30.62
N MET A 322 -6.86 -10.83 30.16
CA MET A 322 -7.00 -9.40 29.88
C MET A 322 -7.86 -9.05 28.64
N TYR A 323 -8.17 -10.02 27.77
CA TYR A 323 -9.24 -9.83 26.77
C TYR A 323 -10.39 -10.79 27.01
N ASN A 324 -10.52 -11.25 28.26
CA ASN A 324 -11.40 -12.34 28.64
C ASN A 324 -11.83 -13.22 27.46
N GLU A 325 -10.88 -13.97 26.93
CA GLU A 325 -11.13 -14.79 25.73
C GLU A 325 -10.17 -15.99 25.70
N LEU A 326 -10.58 -17.03 25.00
CA LEU A 326 -9.69 -18.09 24.64
C LEU A 326 -8.92 -17.65 23.37
N ARG A 327 -7.60 -17.81 23.38
CA ARG A 327 -6.82 -17.54 22.19
C ARG A 327 -5.71 -18.56 22.06
N ARG A 328 -5.24 -18.70 20.83
CA ARG A 328 -4.03 -19.39 20.52
C ARG A 328 -3.09 -18.36 19.96
N VAL A 329 -1.81 -18.53 20.23
CA VAL A 329 -0.83 -17.64 19.65
C VAL A 329 0.37 -18.45 19.19
N GLU A 330 1.03 -18.00 18.15
CA GLU A 330 2.15 -18.78 17.60
C GLU A 330 3.47 -18.02 17.71
N HIS A 331 3.79 -17.58 18.93
CA HIS A 331 4.88 -16.64 19.17
C HIS A 331 5.86 -16.91 20.33
N VAL A 332 7.13 -16.58 20.09
CA VAL A 332 8.18 -17.12 20.91
C VAL A 332 8.02 -16.68 22.36
N ASP A 333 7.53 -15.46 22.56
CA ASP A 333 7.50 -14.92 23.92
C ASP A 333 6.60 -15.83 24.67
N HIS A 334 5.44 -16.12 24.08
CA HIS A 334 4.44 -16.96 24.72
C HIS A 334 4.90 -18.43 24.99
N ALA A 335 5.72 -18.98 24.09
CA ALA A 335 6.22 -20.33 24.27
C ALA A 335 7.11 -20.41 25.49
N ARG A 336 8.00 -19.44 25.60
CA ARG A 336 8.83 -19.32 26.79
C ARG A 336 8.04 -19.25 28.07
N LYS A 337 7.00 -18.41 28.11
CA LYS A 337 6.29 -18.15 29.39
C LYS A 337 5.30 -19.24 29.81
N SER A 338 4.58 -19.78 28.83
CA SER A 338 3.61 -20.84 29.06
C SER A 338 4.33 -22.11 29.57
N ALA A 339 5.54 -22.36 29.08
CA ALA A 339 6.36 -23.45 29.53
C ALA A 339 6.69 -23.33 31.04
N GLU A 340 7.20 -22.16 31.43
CA GLU A 340 7.37 -21.76 32.84
C GLU A 340 6.08 -21.86 33.66
N GLN A 341 4.98 -21.38 33.08
CA GLN A 341 3.72 -21.40 33.81
C GLN A 341 3.35 -22.84 34.20
N ALA A 342 3.35 -23.73 33.21
CA ALA A 342 3.04 -25.14 33.39
C ALA A 342 3.95 -25.81 34.41
N VAL A 343 5.27 -25.71 34.24
CA VAL A 343 6.20 -26.15 35.27
C VAL A 343 5.89 -25.52 36.63
N LYS A 344 5.63 -24.21 36.69
CA LYS A 344 5.26 -23.61 37.98
C LYS A 344 3.95 -24.17 38.55
N ALA A 345 2.97 -24.46 37.70
CA ALA A 345 1.70 -25.06 38.14
C ALA A 345 1.75 -26.56 38.62
N ILE A 346 2.69 -27.32 38.05
CA ILE A 346 2.98 -28.72 38.44
C ILE A 346 3.59 -28.81 39.85
N LYS A 347 4.80 -28.28 40.03
CA LYS A 347 5.51 -28.26 41.33
C LYS A 347 4.71 -27.60 42.47
N GLY A 348 3.97 -26.53 42.15
CA GLY A 348 3.09 -25.83 43.11
C GLY A 348 1.74 -26.46 43.38
N LYS A 349 1.55 -27.70 42.89
CA LYS A 349 0.53 -28.62 43.39
C LYS A 349 1.12 -29.89 43.99
N GLU A 350 2.28 -30.31 43.53
CA GLU A 350 3.06 -31.34 44.22
C GLU A 350 3.18 -31.03 45.71
N SER A 351 3.58 -29.79 46.00
CA SER A 351 3.75 -29.35 47.36
C SER A 351 2.58 -28.47 47.85
N GLY A 352 1.36 -28.71 47.34
CA GLY A 352 0.19 -27.85 47.59
C GLY A 352 0.59 -26.37 47.36
N GLU A 353 0.08 -25.42 48.15
CA GLU A 353 0.38 -23.99 47.99
C GLU A 353 -0.63 -23.41 46.97
N SER A 354 -0.18 -22.57 46.04
CA SER A 354 -1.04 -22.00 45.00
C SER A 354 -0.19 -21.22 44.00
N VAL A 355 -0.69 -21.14 42.76
CA VAL A 355 0.02 -20.49 41.64
C VAL A 355 -0.91 -19.48 40.98
N VAL A 356 -0.36 -18.31 40.65
CA VAL A 356 -1.10 -17.29 39.91
C VAL A 356 -1.41 -17.80 38.47
N GLU A 357 -2.55 -17.33 37.96
CA GLU A 357 -2.97 -17.68 36.61
C GLU A 357 -2.08 -16.95 35.59
N TYR A 358 -1.89 -17.58 34.43
CA TYR A 358 -1.26 -16.93 33.23
C TYR A 358 -1.93 -15.61 32.86
N ASP A 359 -1.12 -14.57 32.69
CA ASP A 359 -1.62 -13.24 32.33
C ASP A 359 -0.66 -12.76 31.25
N TYR A 360 -1.08 -13.03 30.02
CA TYR A 360 -0.23 -12.83 28.88
C TYR A 360 -0.55 -11.52 28.23
N LEU A 361 0.46 -10.65 28.19
CA LEU A 361 0.45 -9.51 27.29
C LEU A 361 1.04 -9.94 25.96
N PRO A 362 0.22 -9.94 24.88
CA PRO A 362 0.79 -10.33 23.58
C PRO A 362 1.90 -9.43 23.19
N TYR A 363 2.96 -10.06 22.67
CA TYR A 363 4.19 -9.42 22.32
C TYR A 363 4.77 -10.15 21.13
N PHE A 364 4.90 -9.39 20.05
CA PHE A 364 5.23 -9.91 18.73
C PHE A 364 6.26 -8.93 18.20
N PHE A 365 7.15 -9.41 17.32
CA PHE A 365 8.23 -8.62 16.82
C PHE A 365 8.81 -9.28 15.62
N SER A 366 9.52 -8.48 14.81
CA SER A 366 10.23 -8.99 13.68
C SER A 366 11.37 -8.08 13.34
N ARG A 367 12.36 -8.58 12.60
CA ARG A 367 13.54 -7.81 12.14
C ARG A 367 13.96 -8.31 10.80
N SER A 368 14.45 -7.36 9.98
CA SER A 368 14.93 -7.58 8.61
C SER A 368 15.66 -6.32 8.19
N PHE A 369 16.55 -6.47 7.23
CA PHE A 369 17.47 -5.38 6.85
C PHE A 369 17.95 -4.70 8.10
N ASP A 370 17.89 -3.38 8.13
CA ASP A 370 18.25 -2.58 9.29
C ASP A 370 17.07 -2.24 10.15
N LEU A 371 15.92 -2.85 9.84
CA LEU A 371 14.68 -2.47 10.51
C LEU A 371 14.36 -3.42 11.58
N GLY A 372 13.62 -2.96 12.58
CA GLY A 372 12.90 -3.87 13.46
C GLY A 372 11.76 -3.24 14.25
N TRP A 373 10.70 -4.00 14.47
CA TRP A 373 9.52 -3.44 15.13
C TRP A 373 9.04 -4.29 16.28
N GLN A 374 8.25 -3.66 17.17
CA GLN A 374 7.53 -4.39 18.20
C GLN A 374 6.07 -4.01 18.27
N PHE A 375 5.26 -4.99 18.70
CA PHE A 375 3.83 -4.89 18.86
C PHE A 375 3.48 -5.48 20.18
N TYR A 376 2.69 -4.74 20.95
CA TYR A 376 2.14 -5.24 22.21
C TYR A 376 0.68 -5.00 22.16
N GLY A 377 -0.10 -5.93 22.69
CA GLY A 377 -1.54 -5.77 22.89
C GLY A 377 -2.46 -6.49 21.92
N ASP A 378 -3.50 -5.78 21.50
CA ASP A 378 -4.51 -6.33 20.62
C ASP A 378 -4.83 -5.29 19.57
N ASN A 379 -4.85 -5.74 18.32
CA ASN A 379 -4.95 -4.85 17.17
C ASN A 379 -6.43 -4.75 16.80
N VAL A 380 -7.13 -3.88 17.53
CA VAL A 380 -8.58 -3.70 17.35
C VAL A 380 -9.03 -2.28 17.49
N GLY A 381 -10.09 -1.95 16.80
CA GLY A 381 -10.61 -0.60 16.78
C GLY A 381 -9.88 0.21 15.75
N ASP A 382 -9.91 1.53 15.89
CA ASP A 382 -9.33 2.43 14.90
C ASP A 382 -7.86 2.75 15.19
N THR A 383 -7.08 2.96 14.13
CA THR A 383 -5.64 3.25 14.25
C THR A 383 -5.21 4.66 13.84
N ILE A 384 -4.14 5.12 14.47
CA ILE A 384 -3.44 6.29 13.97
C ILE A 384 -1.97 5.93 13.85
N LEU A 385 -1.29 6.56 12.92
CA LEU A 385 0.14 6.47 12.77
C LEU A 385 0.78 7.65 13.55
N PHE A 386 2.11 7.62 13.74
CA PHE A 386 2.91 8.80 14.15
C PHE A 386 4.39 8.58 13.96
N GLY A 387 5.20 9.63 14.13
CA GLY A 387 6.67 9.63 13.83
C GLY A 387 6.91 9.78 12.34
N ASP A 388 8.14 9.59 11.86
CA ASP A 388 8.43 9.40 10.40
C ASP A 388 8.99 7.99 10.22
N SER A 389 8.61 7.14 9.27
CA SER A 389 7.54 7.11 8.26
C SER A 389 8.10 7.12 6.84
N ASP A 390 9.24 7.79 6.64
CA ASP A 390 9.90 7.86 5.34
C ASP A 390 10.84 6.64 5.05
N PRO A 391 10.49 5.82 4.04
CA PRO A 391 11.28 4.67 3.55
C PRO A 391 12.75 4.91 3.17
N THR A 392 13.13 6.16 2.89
CA THR A 392 14.55 6.58 2.82
C THR A 392 14.99 7.18 4.17
N SER A 393 14.57 6.53 5.26
CA SER A 393 15.35 6.47 6.49
C SER A 393 15.35 7.84 7.18
N ALA A 394 16.30 8.21 8.06
CA ALA A 394 17.18 7.32 8.84
C ALA A 394 17.27 7.76 10.31
N LYS A 395 17.33 6.82 11.26
CA LYS A 395 16.77 5.48 11.12
C LYS A 395 15.25 5.68 11.27
N PRO A 396 14.44 5.00 10.45
CA PRO A 396 12.99 5.21 10.54
C PRO A 396 12.48 4.92 11.89
N LYS A 397 11.68 5.83 12.43
CA LYS A 397 11.09 5.65 13.75
C LYS A 397 9.63 6.13 13.78
N PHE A 398 8.70 5.21 13.59
CA PHE A 398 7.26 5.44 13.66
C PHE A 398 6.52 4.32 14.34
N GLY A 399 5.27 4.60 14.69
CA GLY A 399 4.44 3.67 15.40
C GLY A 399 2.97 3.81 15.11
N SER A 400 2.17 3.15 15.91
CA SER A 400 0.74 3.17 15.71
C SER A 400 0.07 2.75 16.98
N TYR A 401 -1.05 3.40 17.32
CA TYR A 401 -1.91 3.01 18.45
C TYR A 401 -3.23 2.55 17.94
N TRP A 402 -3.75 1.47 18.54
CA TRP A 402 -5.09 0.95 18.28
C TRP A 402 -6.03 1.39 19.42
N ILE A 403 -7.12 2.08 19.09
CA ILE A 403 -8.05 2.65 20.08
C ILE A 403 -9.44 2.05 19.88
N LYS A 404 -9.93 1.36 20.91
CA LYS A 404 -11.33 0.90 20.97
C LYS A 404 -11.94 1.38 22.30
N ASP A 405 -13.22 1.74 22.25
CA ASP A 405 -13.99 2.15 23.46
C ASP A 405 -13.27 3.27 24.22
N GLY A 406 -12.67 4.22 23.50
CA GLY A 406 -11.91 5.33 24.13
C GLY A 406 -10.47 5.07 24.62
N LYS A 407 -10.21 3.83 25.11
CA LYS A 407 -8.88 3.37 25.57
C LYS A 407 -7.93 2.95 24.42
N VAL A 408 -6.62 3.04 24.64
CA VAL A 408 -5.64 2.47 23.69
C VAL A 408 -5.54 0.97 23.98
N LEU A 409 -5.58 0.14 22.95
CA LEU A 409 -5.54 -1.33 23.15
C LEU A 409 -4.29 -2.04 22.64
N GLY A 410 -3.58 -1.44 21.67
CA GLY A 410 -2.44 -2.07 21.08
C GLY A 410 -1.49 -1.03 20.55
N ALA A 411 -0.20 -1.37 20.51
CA ALA A 411 0.78 -0.47 19.94
C ALA A 411 1.91 -1.15 19.21
N PHE A 412 2.42 -0.43 18.24
CA PHE A 412 3.38 -0.93 17.30
C PHE A 412 4.45 0.10 17.25
N LEU A 413 5.71 -0.29 17.06
CA LEU A 413 6.81 0.65 17.00
C LEU A 413 7.99 0.07 16.28
N GLU A 414 8.40 0.84 15.28
CA GLU A 414 9.49 0.50 14.42
C GLU A 414 10.60 1.38 14.82
N GLY A 415 11.76 0.78 15.06
CA GLY A 415 12.97 1.53 15.29
C GLY A 415 13.02 2.15 16.66
N GLY A 416 12.33 1.57 17.62
CA GLY A 416 12.34 2.06 19.00
C GLY A 416 13.60 1.72 19.79
N SER A 417 13.87 2.55 20.80
CA SER A 417 14.89 2.34 21.80
C SER A 417 14.23 1.51 22.88
N PRO A 418 15.00 1.01 23.85
CA PRO A 418 14.39 0.19 24.90
C PRO A 418 13.44 0.99 25.78
N ASP A 419 13.77 2.26 26.02
CA ASP A 419 12.89 3.09 26.84
C ASP A 419 11.59 3.20 26.04
N GLU A 420 11.70 3.55 24.77
CA GLU A 420 10.50 3.72 23.93
C GLU A 420 9.63 2.43 23.90
N ASN A 421 10.30 1.27 23.75
CA ASN A 421 9.60 -0.04 23.75
C ASN A 421 8.91 -0.42 25.07
N LYS A 422 9.61 -0.22 26.20
CA LYS A 422 8.93 -0.34 27.53
C LYS A 422 7.72 0.59 27.58
N ALA A 423 7.86 1.77 26.97
CA ALA A 423 6.81 2.77 26.98
C ALA A 423 5.55 2.21 26.35
N ILE A 424 5.66 1.79 25.09
CA ILE A 424 4.47 1.31 24.38
C ILE A 424 3.92 0.03 25.00
N ALA A 425 4.79 -0.74 25.64
CA ALA A 425 4.35 -1.93 26.36
C ALA A 425 3.53 -1.53 27.56
N LYS A 426 4.00 -0.49 28.26
CA LYS A 426 3.28 0.01 29.43
C LYS A 426 1.89 0.51 29.01
N VAL A 427 1.83 1.29 27.91
CA VAL A 427 0.54 1.69 27.31
C VAL A 427 -0.39 0.49 27.06
N ALA A 428 0.11 -0.51 26.32
CA ALA A 428 -0.73 -1.70 25.97
C ALA A 428 -1.28 -2.45 27.19
N LYS A 429 -0.45 -2.56 28.21
CA LYS A 429 -0.81 -3.17 29.46
C LYS A 429 -1.83 -2.35 30.26
N THR A 430 -1.65 -1.03 30.32
CA THR A 430 -2.51 -0.19 31.14
C THR A 430 -3.77 0.28 30.41
N GLN A 431 -3.70 0.37 29.09
CA GLN A 431 -4.86 0.78 28.28
C GLN A 431 -5.38 2.15 28.67
N PRO A 432 -4.53 3.18 28.59
CA PRO A 432 -4.91 4.51 29.02
C PRO A 432 -5.94 5.12 28.09
N PRO A 433 -6.77 6.06 28.59
CA PRO A 433 -7.93 6.47 27.82
C PRO A 433 -7.66 7.68 26.93
N VAL A 434 -8.72 8.12 26.26
CA VAL A 434 -8.77 9.45 25.66
C VAL A 434 -10.18 10.04 25.84
N GLU A 438 -8.22 14.89 21.57
CA GLU A 438 -7.55 13.62 21.35
C GLU A 438 -6.41 13.70 20.32
N GLU A 439 -5.91 14.90 19.98
CA GLU A 439 -4.84 15.01 18.95
C GLU A 439 -3.54 14.33 19.40
N LEU A 440 -3.59 13.00 19.27
CA LEU A 440 -2.58 12.08 19.76
C LEU A 440 -1.45 12.09 18.75
N LYS A 441 -1.82 12.13 17.46
CA LYS A 441 -0.90 12.36 16.33
C LYS A 441 0.08 13.56 16.46
N LYS A 442 -0.22 14.54 17.32
CA LYS A 442 0.79 15.51 17.79
C LYS A 442 1.27 15.04 19.19
N GLU A 443 2.59 14.86 19.34
CA GLU A 443 3.26 14.21 20.51
C GLU A 443 2.83 12.74 20.75
N GLY A 444 3.06 11.91 19.72
CA GLY A 444 2.55 10.53 19.68
C GLY A 444 3.38 9.54 20.48
N LEU A 445 4.66 9.46 20.17
CA LEU A 445 5.55 8.60 20.94
C LEU A 445 5.55 9.09 22.38
N GLN A 446 5.52 10.42 22.51
CA GLN A 446 5.47 11.12 23.78
C GLN A 446 4.29 10.74 24.69
N PHE A 447 3.15 10.38 24.12
CA PHE A 447 2.03 9.94 24.97
C PHE A 447 2.36 8.69 25.78
N ALA A 448 3.14 7.79 25.18
CA ALA A 448 3.52 6.52 25.82
C ALA A 448 4.49 6.72 26.99
N SER A 449 5.36 7.72 26.89
CA SER A 449 6.33 8.07 27.96
C SER A 449 5.71 8.79 29.19
N LYS A 450 4.64 9.56 28.98
CA LYS A 450 3.89 10.21 30.08
C LYS A 450 2.90 9.26 30.78
N ILE A 451 2.77 8.03 30.26
CA ILE A 451 2.25 6.91 31.03
C ILE A 451 3.44 6.06 31.42
N GLU B 20 -2.56 42.32 -39.21
CA GLU B 20 -2.87 42.89 -37.86
C GLU B 20 -4.37 43.14 -37.65
N LYS B 21 -4.92 42.58 -36.56
CA LYS B 21 -6.38 42.51 -36.28
C LYS B 21 -6.67 43.03 -34.83
N HIS B 22 -7.82 43.69 -34.59
CA HIS B 22 -8.27 44.08 -33.20
C HIS B 22 -9.63 43.48 -32.86
N PHE B 23 -9.79 43.09 -31.60
CA PHE B 23 -11.10 42.67 -31.07
C PHE B 23 -11.25 43.36 -29.70
N LYS B 24 -12.48 43.79 -29.36
CA LYS B 24 -12.81 44.26 -27.99
C LYS B 24 -12.36 43.22 -26.93
N TYR B 25 -12.54 41.92 -27.24
CA TYR B 25 -12.29 40.81 -26.30
C TYR B 25 -11.46 39.72 -26.95
N VAL B 26 -10.37 39.32 -26.32
CA VAL B 26 -9.61 38.17 -26.80
C VAL B 26 -9.39 37.18 -25.67
N ILE B 27 -9.58 35.93 -26.03
CA ILE B 27 -9.36 34.87 -25.12
C ILE B 27 -8.19 34.22 -25.68
N LEU B 28 -7.18 34.12 -24.85
CA LEU B 28 -5.97 33.46 -25.27
C LEU B 28 -5.87 31.98 -24.79
N GLY B 29 -5.95 31.09 -25.78
CA GLY B 29 -6.05 29.64 -25.67
C GLY B 29 -7.45 29.22 -26.07
N GLY B 30 -7.56 28.04 -26.67
CA GLY B 30 -8.89 27.38 -26.93
C GLY B 30 -9.14 25.98 -26.32
N GLY B 31 -9.09 25.87 -24.99
CA GLY B 31 -9.40 24.62 -24.31
C GLY B 31 -10.71 24.78 -23.57
N VAL B 32 -10.78 24.24 -22.37
CA VAL B 32 -12.06 24.17 -21.64
C VAL B 32 -12.50 25.57 -21.21
N ALA B 33 -11.63 26.34 -20.58
CA ALA B 33 -11.97 27.67 -20.14
C ALA B 33 -12.49 28.53 -21.28
N ALA B 34 -11.78 28.52 -22.40
CA ALA B 34 -12.11 29.34 -23.57
C ALA B 34 -13.49 29.01 -24.08
N GLY B 35 -13.72 27.71 -24.33
CA GLY B 35 -15.02 27.22 -24.76
C GLY B 35 -16.13 27.73 -23.84
N TYR B 36 -15.98 27.54 -22.55
CA TYR B 36 -17.04 27.92 -21.60
C TYR B 36 -17.14 29.48 -21.42
N ALA B 37 -16.03 30.18 -21.63
CA ALA B 37 -16.04 31.65 -21.72
C ALA B 37 -16.84 32.13 -22.97
N ALA B 38 -16.58 31.51 -24.10
CA ALA B 38 -17.34 31.81 -25.29
C ALA B 38 -18.85 31.71 -25.03
N ARG B 39 -19.30 30.61 -24.39
CA ARG B 39 -20.73 30.38 -24.24
C ARG B 39 -21.24 31.44 -23.34
N GLU B 40 -20.48 31.80 -22.31
CA GLU B 40 -21.00 32.80 -21.44
C GLU B 40 -20.99 34.20 -22.16
N PHE B 41 -20.09 34.42 -23.12
CA PHE B 41 -20.16 35.60 -23.97
C PHE B 41 -21.48 35.66 -24.75
N ALA B 42 -21.88 34.57 -25.39
CA ALA B 42 -23.24 34.47 -25.95
C ALA B 42 -24.35 34.69 -24.90
N LYS B 43 -24.24 34.11 -23.73
CA LYS B 43 -25.29 34.33 -22.73
C LYS B 43 -25.41 35.84 -22.43
N GLN B 44 -24.30 36.57 -22.35
CA GLN B 44 -24.33 37.95 -21.86
C GLN B 44 -24.41 38.96 -23.04
N GLY B 45 -24.93 38.53 -24.19
CA GLY B 45 -25.18 39.41 -25.32
C GLY B 45 -23.93 39.94 -26.01
N VAL B 46 -23.22 39.05 -26.69
CA VAL B 46 -22.03 39.45 -27.43
C VAL B 46 -22.40 39.61 -28.90
N LYS B 47 -21.93 40.70 -29.50
CA LYS B 47 -22.28 41.02 -30.90
C LYS B 47 -21.20 40.47 -31.88
N PRO B 48 -21.61 40.10 -33.12
CA PRO B 48 -20.63 39.54 -34.08
C PRO B 48 -19.37 40.39 -34.22
N GLY B 49 -18.23 39.77 -34.45
CA GLY B 49 -16.95 40.48 -34.56
C GLY B 49 -16.32 41.02 -33.28
N GLU B 50 -17.06 41.10 -32.17
CA GLU B 50 -16.44 41.50 -30.89
C GLU B 50 -15.32 40.55 -30.36
N LEU B 51 -15.53 39.23 -30.42
CA LEU B 51 -14.66 38.26 -29.70
C LEU B 51 -13.86 37.35 -30.59
N ALA B 52 -12.57 37.24 -30.26
CA ALA B 52 -11.69 36.23 -30.81
C ALA B 52 -11.05 35.27 -29.75
N ILE B 53 -10.91 34.04 -30.21
CA ILE B 53 -10.26 32.97 -29.51
C ILE B 53 -9.08 32.63 -30.37
N ILE B 54 -7.90 32.74 -29.80
CA ILE B 54 -6.73 32.39 -30.50
C ILE B 54 -6.26 31.12 -29.83
N SER B 55 -5.93 30.08 -30.60
CA SER B 55 -5.38 28.85 -30.08
C SER B 55 -4.34 28.18 -30.98
N LYS B 56 -3.37 27.52 -30.36
CA LYS B 56 -2.36 26.78 -31.10
C LYS B 56 -2.85 25.43 -31.59
N GLU B 57 -4.03 24.99 -31.16
CA GLU B 57 -4.57 23.67 -31.58
C GLU B 57 -5.36 23.95 -32.84
N ALA B 58 -5.59 22.89 -33.62
CA ALA B 58 -6.24 22.97 -34.96
C ALA B 58 -7.76 22.73 -34.94
N VAL B 59 -8.40 22.78 -33.77
CA VAL B 59 -9.81 22.41 -33.63
C VAL B 59 -10.45 23.29 -32.60
N ALA B 60 -11.77 23.37 -32.61
CA ALA B 60 -12.48 24.19 -31.61
C ALA B 60 -12.39 23.58 -30.21
N PRO B 61 -12.59 24.41 -29.18
CA PRO B 61 -12.63 23.93 -27.81
C PRO B 61 -13.39 22.60 -27.57
N TYR B 62 -12.75 21.67 -26.84
CA TYR B 62 -13.30 20.35 -26.49
C TYR B 62 -13.07 19.98 -25.05
N GLU B 63 -13.80 18.96 -24.62
CA GLU B 63 -13.80 18.47 -23.23
C GLU B 63 -12.59 17.59 -23.08
N ARG B 64 -11.52 18.20 -22.56
CA ARG B 64 -10.20 17.55 -22.43
C ARG B 64 -10.21 16.18 -21.68
N PRO B 65 -11.08 16.00 -20.67
CA PRO B 65 -11.04 14.72 -19.97
C PRO B 65 -11.30 13.53 -20.82
N ALA B 66 -12.01 13.71 -21.91
CA ALA B 66 -12.29 12.63 -22.78
C ALA B 66 -11.03 11.96 -23.22
N LEU B 67 -9.91 12.70 -23.24
CA LEU B 67 -8.69 12.22 -23.94
C LEU B 67 -8.05 11.06 -23.27
N SER B 68 -8.26 10.92 -21.96
CA SER B 68 -7.64 9.81 -21.22
C SER B 68 -8.66 8.70 -20.88
N LYS B 69 -9.88 8.87 -21.35
CA LYS B 69 -11.02 7.95 -21.10
C LYS B 69 -11.57 7.46 -22.49
N GLY B 70 -12.75 7.92 -22.91
CA GLY B 70 -13.40 7.49 -24.20
C GLY B 70 -12.52 7.51 -25.44
N TYR B 71 -11.60 8.46 -25.52
CA TYR B 71 -10.76 8.60 -26.71
C TYR B 71 -9.89 7.39 -26.89
N LEU B 72 -9.58 6.65 -25.83
CA LEU B 72 -8.67 5.51 -26.00
C LEU B 72 -9.31 4.16 -26.09
N PHE B 73 -10.64 4.09 -25.92
CA PHE B 73 -11.37 2.80 -26.10
C PHE B 73 -10.98 2.14 -27.44
N PRO B 74 -10.84 0.82 -27.46
CA PRO B 74 -10.55 0.18 -28.74
C PRO B 74 -11.77 0.13 -29.71
N GLN B 75 -12.99 0.23 -29.19
CA GLN B 75 -14.22 0.31 -30.01
C GLN B 75 -15.16 1.36 -29.40
N ASN B 76 -15.92 2.06 -30.25
CA ASN B 76 -16.87 3.13 -29.81
C ASN B 76 -16.18 4.17 -28.99
N ALA B 77 -15.05 4.61 -29.53
CA ALA B 77 -14.21 5.64 -28.94
C ALA B 77 -14.83 6.98 -29.17
N ALA B 78 -14.60 7.87 -28.20
CA ALA B 78 -14.89 9.27 -28.29
C ALA B 78 -14.09 9.96 -29.43
N ARG B 79 -14.76 10.82 -30.21
CA ARG B 79 -14.06 11.48 -31.34
C ARG B 79 -14.60 12.86 -31.50
N LEU B 80 -13.77 13.74 -32.06
CA LEU B 80 -14.30 15.07 -32.44
C LEU B 80 -15.08 14.91 -33.77
N PRO B 81 -16.20 15.64 -33.94
CA PRO B 81 -16.66 16.76 -33.12
C PRO B 81 -17.61 16.37 -31.99
N GLY B 82 -17.72 15.09 -31.71
CA GLY B 82 -18.57 14.65 -30.58
C GLY B 82 -18.34 15.29 -29.22
N PHE B 83 -17.09 15.53 -28.87
CA PHE B 83 -16.86 16.00 -27.52
C PHE B 83 -16.37 17.45 -27.44
N HIS B 84 -16.78 18.32 -28.37
CA HIS B 84 -16.59 19.76 -28.19
C HIS B 84 -17.28 20.19 -26.94
N VAL B 85 -16.84 21.27 -26.27
CA VAL B 85 -17.66 21.77 -25.16
C VAL B 85 -19.05 22.09 -25.74
N CYS B 86 -20.17 22.13 -24.97
CA CYS B 86 -20.19 21.97 -23.53
C CYS B 86 -20.82 20.67 -23.07
N VAL B 87 -20.76 19.65 -23.91
CA VAL B 87 -21.42 18.38 -23.62
C VAL B 87 -20.94 17.72 -22.34
N GLY B 88 -19.70 17.99 -21.95
CA GLY B 88 -19.07 17.44 -20.76
C GLY B 88 -19.88 17.73 -19.51
N SER B 89 -20.50 18.90 -19.52
CA SER B 89 -21.35 19.32 -18.43
C SER B 89 -22.85 19.15 -18.76
N GLY B 90 -23.18 18.39 -19.81
CA GLY B 90 -24.54 18.30 -20.30
C GLY B 90 -25.00 19.54 -21.06
N GLY B 91 -24.04 20.31 -21.54
CA GLY B 91 -24.30 21.51 -22.30
C GLY B 91 -24.38 21.17 -23.77
N GLU B 92 -24.90 22.16 -24.48
CA GLU B 92 -24.95 22.26 -25.95
C GLU B 92 -23.57 22.13 -26.56
N ARG B 93 -23.45 21.38 -27.65
CA ARG B 93 -22.22 21.25 -28.42
C ARG B 93 -21.88 22.48 -29.25
N LEU B 94 -20.83 23.19 -28.84
CA LEU B 94 -20.25 24.26 -29.64
C LEU B 94 -19.38 23.73 -30.76
N LEU B 95 -20.03 23.36 -31.87
CA LEU B 95 -19.32 23.05 -33.11
C LEU B 95 -18.69 24.33 -33.69
N PRO B 96 -17.73 24.22 -34.65
CA PRO B 96 -17.15 25.47 -35.21
C PRO B 96 -18.21 26.44 -35.82
N GLU B 97 -19.29 25.89 -36.35
CA GLU B 97 -20.35 26.62 -37.02
C GLU B 97 -21.14 27.47 -36.01
N TRP B 98 -21.22 27.01 -34.76
CA TRP B 98 -21.80 27.83 -33.67
C TRP B 98 -21.03 29.15 -33.49
N TYR B 99 -19.70 29.06 -33.48
CA TYR B 99 -18.85 30.23 -33.31
C TYR B 99 -19.05 31.28 -34.45
N SER B 100 -19.12 30.83 -35.69
CA SER B 100 -19.31 31.71 -36.87
C SER B 100 -20.70 32.38 -36.88
N GLU B 101 -21.76 31.61 -36.86
CA GLU B 101 -23.12 32.16 -36.68
C GLU B 101 -23.19 33.30 -35.65
N LYS B 102 -22.38 33.21 -34.58
CA LYS B 102 -22.36 34.26 -33.56
C LYS B 102 -21.35 35.36 -33.86
N GLY B 103 -20.59 35.17 -34.92
CA GLY B 103 -19.48 36.06 -35.25
C GLY B 103 -18.38 36.05 -34.21
N ILE B 104 -18.09 34.88 -33.65
CA ILE B 104 -16.94 34.71 -32.77
C ILE B 104 -15.83 34.20 -33.69
N GLU B 105 -14.65 34.79 -33.58
CA GLU B 105 -13.52 34.44 -34.46
C GLU B 105 -12.58 33.40 -33.83
N LEU B 106 -12.49 32.21 -34.45
CA LEU B 106 -11.66 31.13 -33.94
C LEU B 106 -10.39 31.16 -34.73
N ILE B 107 -9.39 31.77 -34.14
CA ILE B 107 -8.10 31.85 -34.81
C ILE B 107 -7.31 30.61 -34.38
N LEU B 108 -7.27 29.61 -35.26
CA LEU B 108 -6.65 28.32 -34.98
C LEU B 108 -5.26 28.11 -35.61
N SER B 109 -4.56 27.12 -35.07
CA SER B 109 -3.17 26.76 -35.42
C SER B 109 -2.14 27.86 -35.20
N THR B 110 -2.53 28.87 -34.45
CA THR B 110 -1.80 30.10 -34.27
C THR B 110 -1.16 30.01 -32.87
N GLU B 111 0.15 29.74 -32.78
CA GLU B 111 0.91 29.84 -31.53
C GLU B 111 1.31 31.30 -31.26
N ILE B 112 0.85 31.89 -30.16
CA ILE B 112 1.32 33.21 -29.71
C ILE B 112 2.66 33.03 -29.03
N VAL B 113 3.65 33.87 -29.36
CA VAL B 113 4.99 33.81 -28.71
C VAL B 113 5.38 35.07 -27.95
N LYS B 114 4.54 36.10 -27.99
CA LYS B 114 4.82 37.27 -27.20
C LYS B 114 3.55 37.95 -26.81
N ALA B 115 3.51 38.39 -25.58
CA ALA B 115 2.39 39.17 -25.11
C ALA B 115 2.89 40.43 -24.43
N ASP B 116 2.57 41.59 -25.01
CA ASP B 116 2.83 42.89 -24.37
C ASP B 116 1.54 43.52 -23.81
N LEU B 117 1.36 43.38 -22.50
CA LEU B 117 0.15 43.88 -21.86
C LEU B 117 0.10 45.41 -21.89
N ALA B 118 1.24 46.09 -21.73
CA ALA B 118 1.32 47.57 -21.81
C ALA B 118 0.64 48.09 -23.06
N SER B 119 1.07 47.57 -24.21
CA SER B 119 0.50 47.90 -25.53
C SER B 119 -0.80 47.17 -25.90
N LYS B 120 -1.26 46.25 -25.04
CA LYS B 120 -2.45 45.43 -25.31
C LYS B 120 -2.31 44.71 -26.68
N THR B 121 -1.15 44.11 -26.92
CA THR B 121 -0.80 43.51 -28.23
C THR B 121 -0.21 42.13 -28.02
N LEU B 122 -0.63 41.18 -28.85
CA LEU B 122 -0.15 39.80 -28.78
C LEU B 122 0.48 39.45 -30.10
N THR B 123 1.56 38.68 -30.04
CA THR B 123 2.32 38.43 -31.23
C THR B 123 2.38 36.95 -31.59
N SER B 124 1.77 36.64 -32.73
CA SER B 124 1.82 35.31 -33.34
C SER B 124 3.25 34.83 -33.58
N ALA B 125 3.39 33.54 -33.93
CA ALA B 125 4.68 32.91 -34.30
C ALA B 125 5.06 33.11 -35.77
N VAL B 126 4.07 33.41 -36.62
CA VAL B 126 4.28 33.79 -38.02
C VAL B 126 4.44 35.31 -38.07
N GLY B 127 4.75 35.96 -36.95
CA GLY B 127 4.83 37.40 -36.87
C GLY B 127 3.51 38.15 -36.92
N ALA B 128 2.38 37.44 -37.05
CA ALA B 128 1.10 38.13 -37.12
C ALA B 128 0.78 38.70 -35.74
N THR B 129 -0.22 39.54 -35.67
CA THR B 129 -0.33 40.36 -34.49
C THR B 129 -1.80 40.68 -34.22
N PHE B 130 -2.14 40.83 -32.93
CA PHE B 130 -3.56 40.96 -32.51
C PHE B 130 -3.62 41.89 -31.31
N THR B 131 -4.75 42.60 -31.21
CA THR B 131 -4.95 43.73 -30.31
C THR B 131 -6.30 43.54 -29.56
N TYR B 132 -6.39 44.04 -28.33
CA TYR B 132 -7.58 43.81 -27.53
C TYR B 132 -7.80 44.98 -26.56
N GLU B 133 -9.04 45.17 -26.12
CA GLU B 133 -9.30 45.88 -24.88
C GLU B 133 -9.22 44.92 -23.69
N ILE B 134 -9.89 43.77 -23.79
CA ILE B 134 -9.97 42.80 -22.67
C ILE B 134 -9.41 41.42 -23.09
N LEU B 135 -8.43 40.96 -22.32
CA LEU B 135 -7.79 39.69 -22.57
C LEU B 135 -8.09 38.72 -21.44
N ILE B 136 -8.57 37.53 -21.82
CA ILE B 136 -8.67 36.43 -20.87
C ILE B 136 -7.54 35.48 -21.17
N ILE B 137 -6.67 35.26 -20.20
CA ILE B 137 -5.61 34.28 -20.34
C ILE B 137 -6.18 32.91 -19.95
N ALA B 138 -6.20 31.98 -20.91
CA ALA B 138 -6.67 30.62 -20.69
C ALA B 138 -5.73 29.65 -21.38
N THR B 139 -4.48 29.70 -21.02
CA THR B 139 -3.46 28.91 -21.71
C THR B 139 -3.24 27.54 -21.13
N GLY B 140 -3.86 27.26 -19.98
CA GLY B 140 -3.87 25.94 -19.42
C GLY B 140 -2.53 25.60 -18.84
N SER B 141 -2.23 24.29 -18.80
CA SER B 141 -1.00 23.78 -18.29
C SER B 141 -0.20 23.14 -19.42
N SER B 142 1.09 23.05 -19.18
CA SER B 142 1.99 22.25 -19.98
C SER B 142 2.04 20.79 -19.51
N VAL B 143 2.74 20.00 -20.26
CA VAL B 143 3.05 18.64 -19.79
C VAL B 143 4.56 18.61 -19.44
N ILE B 144 4.89 18.03 -18.31
CA ILE B 144 6.27 17.99 -17.88
C ILE B 144 6.87 16.76 -18.52
N LYS B 145 7.93 16.94 -19.31
CA LYS B 145 8.60 15.79 -20.00
C LYS B 145 9.92 15.35 -19.38
N LEU B 146 10.20 14.06 -19.40
CA LEU B 146 11.49 13.54 -18.94
C LEU B 146 12.72 14.07 -19.78
N SER B 147 12.54 14.40 -21.05
CA SER B 147 13.58 15.09 -21.82
C SER B 147 13.60 16.59 -21.56
N ASP B 148 13.26 16.95 -20.34
CA ASP B 148 13.31 18.35 -19.89
C ASP B 148 14.27 18.24 -18.73
N PHE B 149 14.11 17.17 -17.94
CA PHE B 149 15.01 16.76 -16.88
C PHE B 149 16.39 16.43 -17.41
N GLY B 150 16.51 16.27 -18.72
CA GLY B 150 17.69 15.65 -19.33
C GLY B 150 17.93 14.17 -19.04
N THR B 151 16.88 13.44 -18.67
CA THR B 151 17.03 12.02 -18.38
C THR B 151 17.58 11.24 -19.62
N GLN B 152 18.56 10.35 -19.40
CA GLN B 152 19.16 9.54 -20.47
C GLN B 152 18.11 8.70 -21.25
N GLY B 153 17.98 8.92 -22.54
CA GLY B 153 17.12 8.08 -23.37
C GLY B 153 15.77 8.70 -23.65
N ALA B 154 15.39 9.68 -22.84
CA ALA B 154 14.01 10.07 -22.70
C ALA B 154 13.45 10.80 -23.96
N ASP B 155 14.34 11.14 -24.91
CA ASP B 155 13.99 11.64 -26.27
C ASP B 155 13.64 10.54 -27.26
N SER B 156 13.70 9.28 -26.83
CA SER B 156 13.31 8.19 -27.71
C SER B 156 11.87 8.35 -28.23
N ASN B 157 11.65 7.85 -29.44
CA ASN B 157 10.34 7.57 -30.00
C ASN B 157 9.52 6.61 -29.16
N ASN B 158 8.20 6.77 -29.20
CA ASN B 158 7.22 6.01 -28.37
C ASN B 158 7.28 6.21 -26.86
N ILE B 159 7.85 7.32 -26.44
CA ILE B 159 7.70 7.79 -25.09
C ILE B 159 6.73 8.95 -25.25
N LEU B 160 5.52 8.71 -24.79
CA LEU B 160 4.38 9.59 -25.08
C LEU B 160 3.86 10.24 -23.83
N TYR B 161 3.30 11.41 -24.04
CA TYR B 161 2.69 12.23 -23.04
C TYR B 161 1.33 12.53 -23.57
N LEU B 162 0.41 12.95 -22.69
CA LEU B 162 -0.98 13.23 -23.07
C LEU B 162 -1.49 14.51 -22.52
N ARG B 163 -1.73 15.48 -23.40
CA ARG B 163 -2.38 16.69 -23.00
C ARG B 163 -3.47 17.16 -23.99
N GLU B 164 -3.20 17.06 -25.28
CA GLU B 164 -4.06 17.67 -26.29
C GLU B 164 -4.39 16.59 -27.24
N VAL B 165 -5.42 16.83 -28.07
CA VAL B 165 -5.97 15.79 -28.94
C VAL B 165 -4.90 15.29 -29.93
N ASP B 166 -4.02 16.17 -30.41
CA ASP B 166 -2.88 15.72 -31.27
C ASP B 166 -1.96 14.71 -30.61
N ASP B 167 -1.71 14.85 -29.29
CA ASP B 167 -1.07 13.78 -28.47
C ASP B 167 -1.92 12.48 -28.39
N ALA B 168 -3.23 12.61 -28.17
CA ALA B 168 -4.11 11.43 -28.12
C ALA B 168 -4.05 10.67 -29.44
N ASP B 169 -4.17 11.36 -30.56
CA ASP B 169 -4.00 10.71 -31.89
C ASP B 169 -2.64 9.98 -32.05
N LYS B 170 -1.55 10.61 -31.60
CA LYS B 170 -0.21 9.99 -31.53
C LYS B 170 -0.30 8.73 -30.72
N LEU B 171 -0.84 8.87 -29.52
CA LEU B 171 -0.94 7.68 -28.65
C LEU B 171 -1.79 6.62 -29.27
N VAL B 172 -2.92 6.99 -29.88
CA VAL B 172 -3.84 6.01 -30.49
C VAL B 172 -3.11 5.31 -31.65
N ALA B 173 -2.43 6.08 -32.51
CA ALA B 173 -1.57 5.49 -33.56
C ALA B 173 -0.53 4.57 -32.96
N ALA B 174 0.11 4.97 -31.85
CA ALA B 174 1.09 4.04 -31.20
C ALA B 174 0.43 2.80 -30.59
N ILE B 175 -0.76 2.97 -30.00
CA ILE B 175 -1.48 1.81 -29.42
C ILE B 175 -1.75 0.73 -30.45
N GLN B 176 -2.21 1.15 -31.64
CA GLN B 176 -2.47 0.26 -32.75
C GLN B 176 -1.20 -0.44 -33.17
N ALA B 177 -0.14 0.34 -33.42
CA ALA B 177 1.14 -0.20 -33.94
C ALA B 177 1.85 -1.24 -33.06
N LYS B 178 1.57 -1.23 -31.76
CA LYS B 178 2.28 -2.10 -30.83
C LYS B 178 1.33 -3.02 -30.11
N LYS B 179 0.16 -3.19 -30.72
CA LYS B 179 -0.88 -4.11 -30.25
C LYS B 179 -0.30 -5.43 -29.78
N GLY B 180 -0.61 -5.86 -28.57
CA GLY B 180 -0.09 -7.08 -28.02
C GLY B 180 1.17 -6.86 -27.19
N GLY B 181 1.78 -5.67 -27.27
CA GLY B 181 3.03 -5.42 -26.59
C GLY B 181 3.00 -5.15 -25.08
N LYS B 182 4.06 -4.48 -24.63
CA LYS B 182 4.23 -4.08 -23.22
C LYS B 182 4.23 -2.56 -23.10
N ALA B 183 3.43 -2.09 -22.15
CA ALA B 183 3.36 -0.66 -21.82
C ALA B 183 3.88 -0.41 -20.41
N VAL B 184 4.73 0.63 -20.28
CA VAL B 184 5.11 1.15 -18.97
C VAL B 184 4.48 2.51 -18.78
N ILE B 185 3.73 2.63 -17.69
CA ILE B 185 3.16 3.92 -17.25
C ILE B 185 4.04 4.49 -16.12
N VAL B 186 4.53 5.71 -16.32
CA VAL B 186 5.36 6.35 -15.33
C VAL B 186 4.54 7.45 -14.67
N GLY B 187 4.21 7.20 -13.39
CA GLY B 187 3.48 8.14 -12.55
C GLY B 187 2.28 7.50 -11.96
N GLY B 188 1.84 8.01 -10.81
CA GLY B 188 0.72 7.41 -10.09
C GLY B 188 -0.37 8.36 -9.64
N GLY B 189 -0.46 9.49 -10.33
CA GLY B 189 -1.57 10.42 -10.19
C GLY B 189 -2.69 10.04 -11.15
N TYR B 190 -3.40 11.08 -11.62
CA TYR B 190 -4.65 10.94 -12.41
C TYR B 190 -4.38 10.19 -13.69
N ILE B 191 -3.43 10.73 -14.45
CA ILE B 191 -3.05 10.22 -15.73
C ILE B 191 -2.60 8.80 -15.60
N GLY B 192 -1.78 8.54 -14.59
CA GLY B 192 -1.17 7.23 -14.41
C GLY B 192 -2.23 6.20 -14.26
N LEU B 193 -3.16 6.46 -13.36
CA LEU B 193 -4.29 5.58 -13.16
C LEU B 193 -5.16 5.47 -14.40
N GLU B 194 -5.46 6.57 -15.06
CA GLU B 194 -6.39 6.49 -16.16
C GLU B 194 -5.69 5.85 -17.37
N LEU B 195 -4.45 6.18 -17.61
CA LEU B 195 -3.72 5.61 -18.73
C LEU B 195 -3.35 4.14 -18.56
N SER B 196 -2.99 3.73 -17.35
CA SER B 196 -2.79 2.31 -17.09
C SER B 196 -4.03 1.53 -17.47
N ALA B 197 -5.19 2.01 -17.10
CA ALA B 197 -6.44 1.32 -17.41
C ALA B 197 -6.63 1.28 -18.90
N ALA B 198 -6.50 2.44 -19.54
CA ALA B 198 -6.72 2.54 -20.95
C ALA B 198 -5.83 1.58 -21.72
N LEU B 199 -4.53 1.53 -21.39
CA LEU B 199 -3.64 0.57 -22.07
C LEU B 199 -4.04 -0.91 -21.80
N LYS B 200 -4.49 -1.23 -20.59
CA LYS B 200 -4.82 -2.61 -20.28
C LYS B 200 -5.96 -2.99 -21.20
N ILE B 201 -6.97 -2.13 -21.20
CA ILE B 201 -8.19 -2.35 -21.98
C ILE B 201 -7.92 -2.48 -23.48
N ASN B 202 -6.87 -1.84 -23.97
CA ASN B 202 -6.39 -2.08 -25.32
C ASN B 202 -5.47 -3.29 -25.49
N ASP B 203 -5.42 -4.19 -24.52
CA ASP B 203 -4.62 -5.41 -24.62
C ASP B 203 -3.10 -5.24 -24.62
N PHE B 204 -2.58 -4.57 -23.60
CA PHE B 204 -1.15 -4.54 -23.37
C PHE B 204 -0.81 -5.20 -22.06
N ASP B 205 0.41 -5.72 -21.97
CA ASP B 205 1.03 -6.02 -20.69
C ASP B 205 1.34 -4.66 -20.07
N VAL B 206 0.83 -4.38 -18.87
CA VAL B 206 0.93 -3.06 -18.23
C VAL B 206 1.63 -3.05 -16.87
N THR B 207 2.64 -2.19 -16.72
CA THR B 207 3.26 -1.91 -15.43
C THR B 207 3.29 -0.40 -15.20
N MET B 208 2.93 0.02 -14.00
CA MET B 208 2.81 1.41 -13.62
C MET B 208 3.86 1.61 -12.52
N VAL B 209 4.76 2.60 -12.65
CA VAL B 209 5.79 2.86 -11.68
C VAL B 209 5.64 4.24 -11.01
N PHE B 210 5.82 4.33 -9.69
CA PHE B 210 5.83 5.63 -9.00
C PHE B 210 6.48 5.60 -7.60
N PRO B 211 7.03 6.74 -7.16
CA PRO B 211 7.79 6.76 -5.93
C PRO B 211 6.95 6.82 -4.68
N GLU B 212 5.76 7.40 -4.73
CA GLU B 212 5.02 7.66 -3.49
C GLU B 212 4.58 6.33 -2.90
N PRO B 213 4.27 6.28 -1.59
CA PRO B 213 3.97 4.94 -1.02
C PRO B 213 2.68 4.33 -1.52
N TRP B 214 1.77 5.16 -2.04
CA TRP B 214 0.54 4.71 -2.64
C TRP B 214 0.05 5.75 -3.61
N CYS B 215 -0.82 5.36 -4.53
CA CYS B 215 -1.20 6.21 -5.66
C CYS B 215 -2.09 7.35 -5.19
N MET B 216 -1.95 8.50 -5.89
CA MET B 216 -2.77 9.70 -5.60
C MET B 216 -2.71 10.11 -4.14
N PRO B 217 -1.51 10.15 -3.56
CA PRO B 217 -1.26 10.40 -2.12
C PRO B 217 -1.70 11.76 -1.61
N ARG B 218 -1.72 12.77 -2.47
CA ARG B 218 -2.26 14.08 -2.08
C ARG B 218 -3.74 14.04 -1.83
N LEU B 219 -4.44 13.05 -2.41
CA LEU B 219 -5.85 12.92 -2.11
C LEU B 219 -6.23 11.62 -1.41
N PHE B 220 -5.84 10.49 -1.99
CA PHE B 220 -6.15 9.16 -1.43
C PHE B 220 -5.39 8.93 -0.13
N THR B 221 -6.12 8.53 0.91
CA THR B 221 -5.53 7.81 2.03
C THR B 221 -5.12 6.41 1.63
N ALA B 222 -4.24 5.84 2.46
CA ALA B 222 -3.64 4.55 2.15
C ALA B 222 -4.72 3.49 1.94
N ASP B 223 -5.80 3.59 2.71
CA ASP B 223 -6.94 2.70 2.57
C ASP B 223 -7.78 2.97 1.32
N ILE B 224 -8.03 4.23 0.96
CA ILE B 224 -8.73 4.50 -0.30
C ILE B 224 -7.83 3.95 -1.40
N ALA B 225 -6.56 4.31 -1.34
CA ALA B 225 -5.65 3.76 -2.35
C ALA B 225 -5.62 2.25 -2.48
N ALA B 226 -5.62 1.51 -1.37
CA ALA B 226 -5.47 0.03 -1.50
C ALA B 226 -6.59 -0.60 -2.31
N PHE B 227 -7.81 -0.10 -2.15
CA PHE B 227 -8.91 -0.50 -3.03
C PHE B 227 -8.53 -0.41 -4.51
N TYR B 228 -8.08 0.76 -4.98
CA TYR B 228 -7.82 0.93 -6.41
C TYR B 228 -6.64 0.08 -6.81
N GLU B 229 -5.62 0.06 -5.97
CA GLU B 229 -4.42 -0.72 -6.33
C GLU B 229 -4.82 -2.21 -6.47
N SER B 230 -5.64 -2.72 -5.54
CA SER B 230 -6.03 -4.14 -5.63
C SER B 230 -6.82 -4.34 -6.92
N TYR B 231 -7.79 -3.46 -7.15
CA TYR B 231 -8.67 -3.57 -8.30
C TYR B 231 -7.86 -3.59 -9.53
N TYR B 232 -6.98 -2.61 -9.66
CA TYR B 232 -6.09 -2.57 -10.80
C TYR B 232 -5.26 -3.85 -10.94
N THR B 233 -4.79 -4.38 -9.82
CA THR B 233 -3.97 -5.59 -9.87
C THR B 233 -4.81 -6.76 -10.30
N ASN B 234 -5.99 -6.92 -9.74
CA ASN B 234 -6.95 -7.90 -10.36
C ASN B 234 -7.21 -7.80 -11.86
N LYS B 235 -7.16 -6.58 -12.40
CA LYS B 235 -7.27 -6.39 -13.83
C LYS B 235 -6.02 -6.73 -14.55
N GLY B 236 -4.95 -7.06 -13.81
CA GLY B 236 -3.67 -7.44 -14.40
C GLY B 236 -2.67 -6.29 -14.62
N VAL B 237 -2.95 -5.10 -14.06
CA VAL B 237 -1.96 -3.99 -14.13
C VAL B 237 -0.97 -4.25 -12.99
N LYS B 238 0.33 -4.23 -13.31
CA LYS B 238 1.43 -4.39 -12.34
C LYS B 238 1.89 -3.02 -11.78
N ILE B 239 1.81 -2.87 -10.48
CA ILE B 239 2.07 -1.63 -9.82
C ILE B 239 3.33 -1.76 -9.01
N VAL B 240 4.32 -0.94 -9.36
CA VAL B 240 5.58 -0.81 -8.61
C VAL B 240 5.63 0.54 -7.86
N LYS B 241 5.73 0.44 -6.54
CA LYS B 241 5.71 1.59 -5.66
C LYS B 241 6.97 1.70 -4.78
N GLY B 242 7.48 2.91 -4.68
CA GLY B 242 8.70 3.18 -3.95
C GLY B 242 9.94 3.42 -4.79
N THR B 243 9.82 3.51 -6.12
CA THR B 243 10.99 3.84 -6.93
C THR B 243 10.63 4.79 -8.09
N VAL B 244 11.54 4.97 -9.04
CA VAL B 244 11.40 6.00 -10.04
C VAL B 244 12.15 5.61 -11.34
N ALA B 245 11.66 6.04 -12.50
CA ALA B 245 12.35 5.71 -13.75
C ALA B 245 13.49 6.66 -13.77
N VAL B 246 14.65 6.18 -14.19
CA VAL B 246 15.85 7.03 -14.25
C VAL B 246 16.58 7.01 -15.60
N GLY B 247 16.29 6.04 -16.46
CA GLY B 247 16.73 6.09 -17.87
C GLY B 247 15.91 5.16 -18.78
N PHE B 248 16.14 5.31 -20.07
CA PHE B 248 15.48 4.53 -21.10
C PHE B 248 16.53 3.95 -22.07
N ASP B 249 16.40 2.68 -22.44
CA ASP B 249 17.12 2.09 -23.60
C ASP B 249 16.32 2.29 -24.88
N ALA B 250 17.01 2.43 -25.99
CA ALA B 250 16.37 2.49 -27.31
C ALA B 250 17.13 1.62 -28.32
N ASP B 251 16.49 1.37 -29.47
CA ASP B 251 16.99 0.48 -30.53
C ASP B 251 17.62 1.37 -31.60
N ALA B 252 17.91 0.82 -32.79
CA ALA B 252 18.68 1.58 -33.80
C ALA B 252 17.93 2.79 -34.38
N ASN B 253 16.60 2.78 -34.31
CA ASN B 253 15.76 3.94 -34.68
C ASN B 253 15.53 4.99 -33.61
N GLY B 254 16.06 4.73 -32.42
CA GLY B 254 15.66 5.49 -31.25
C GLY B 254 14.22 5.21 -30.82
N ASP B 255 13.72 3.99 -31.08
CA ASP B 255 12.44 3.53 -30.54
C ASP B 255 12.70 2.98 -29.20
N VAL B 256 11.95 3.44 -28.22
CA VAL B 256 12.07 2.95 -26.85
C VAL B 256 11.90 1.43 -26.81
N THR B 257 12.70 0.80 -25.97
CA THR B 257 12.70 -0.65 -25.76
C THR B 257 12.69 -1.03 -24.30
N ALA B 258 13.34 -0.22 -23.43
CA ALA B 258 13.27 -0.47 -21.98
C ALA B 258 13.36 0.79 -21.12
N VAL B 259 12.92 0.61 -19.88
CA VAL B 259 12.83 1.62 -18.89
C VAL B 259 13.58 1.07 -17.70
N ASN B 260 14.62 1.81 -17.26
CA ASN B 260 15.42 1.44 -16.09
C ASN B 260 14.98 2.19 -14.82
N LEU B 261 14.83 1.50 -13.70
CA LEU B 261 14.40 2.12 -12.45
C LEU B 261 15.57 2.45 -11.49
N LYS B 262 15.31 3.36 -10.55
CA LYS B 262 16.38 3.76 -9.63
C LYS B 262 16.82 2.60 -8.78
N ASN B 263 15.89 1.68 -8.46
CA ASN B 263 16.20 0.48 -7.66
C ASN B 263 16.97 -0.70 -8.37
N GLY B 264 17.32 -0.55 -9.66
CA GLY B 264 18.01 -1.62 -10.38
C GLY B 264 17.15 -2.41 -11.34
N SER B 265 15.89 -2.69 -10.99
CA SER B 265 14.95 -3.42 -11.90
C SER B 265 14.95 -2.81 -13.31
N VAL B 266 14.66 -3.62 -14.30
CA VAL B 266 14.52 -3.13 -15.66
C VAL B 266 13.13 -3.60 -16.18
N LEU B 267 12.45 -2.76 -16.96
CA LEU B 267 11.12 -3.08 -17.55
C LEU B 267 11.14 -2.83 -19.06
N GLU B 268 10.88 -3.91 -19.80
CA GLU B 268 10.91 -3.90 -21.26
C GLU B 268 9.64 -3.21 -21.59
N ALA B 269 9.61 -2.52 -22.71
CA ALA B 269 8.52 -1.64 -23.04
C ALA B 269 8.55 -1.31 -24.51
N ASP B 270 7.38 -1.44 -25.13
CA ASP B 270 7.13 -1.02 -26.51
C ASP B 270 6.62 0.42 -26.53
N ILE B 271 5.91 0.83 -25.48
CA ILE B 271 5.36 2.18 -25.33
C ILE B 271 5.55 2.61 -23.91
N VAL B 272 5.90 3.87 -23.73
CA VAL B 272 5.99 4.41 -22.39
C VAL B 272 5.02 5.54 -22.44
N VAL B 273 4.04 5.52 -21.55
CA VAL B 273 3.24 6.70 -21.40
C VAL B 273 3.69 7.32 -20.09
N VAL B 274 3.91 8.63 -20.11
CA VAL B 274 4.42 9.33 -18.96
C VAL B 274 3.40 10.37 -18.50
N GLY B 275 3.04 10.32 -17.22
CA GLY B 275 2.27 11.35 -16.53
C GLY B 275 2.94 11.80 -15.24
N VAL B 276 3.82 12.79 -15.30
CA VAL B 276 4.53 13.28 -14.11
C VAL B 276 4.21 14.75 -13.79
N GLY B 277 3.00 15.16 -14.14
CA GLY B 277 2.49 16.47 -13.74
C GLY B 277 2.56 17.45 -14.88
N GLY B 278 2.08 18.64 -14.55
CA GLY B 278 1.90 19.74 -15.44
C GLY B 278 2.01 21.00 -14.60
N ARG B 279 2.25 22.13 -15.27
CA ARG B 279 2.51 23.41 -14.70
C ARG B 279 1.81 24.51 -15.56
N PRO B 280 1.29 25.54 -14.90
CA PRO B 280 0.59 26.58 -15.65
C PRO B 280 1.42 27.15 -16.80
N LEU B 281 0.85 27.31 -17.99
CA LEU B 281 1.54 27.96 -19.10
C LEU B 281 1.43 29.48 -19.05
N THR B 282 2.38 30.07 -18.33
CA THR B 282 2.32 31.49 -17.98
C THR B 282 3.62 32.24 -18.30
N THR B 283 4.49 31.68 -19.14
CA THR B 283 5.81 32.27 -19.37
C THR B 283 5.73 33.52 -20.26
N LEU B 284 4.76 33.57 -21.17
CA LEU B 284 4.49 34.78 -21.92
C LEU B 284 4.28 36.05 -21.11
N PHE B 285 4.01 35.94 -19.81
CA PHE B 285 3.58 37.05 -18.97
C PHE B 285 4.52 37.25 -17.80
N LYS B 286 5.70 36.64 -17.83
CA LYS B 286 6.65 36.69 -16.69
C LYS B 286 6.99 38.14 -16.53
N GLY B 287 6.75 38.69 -15.33
CA GLY B 287 7.10 40.08 -14.96
C GLY B 287 6.04 41.15 -15.21
N GLN B 288 5.02 40.84 -15.99
CA GLN B 288 3.98 41.79 -16.39
C GLN B 288 2.76 41.69 -15.45
N VAL B 289 2.64 40.58 -14.71
CA VAL B 289 1.49 40.34 -13.85
C VAL B 289 1.99 39.78 -12.55
N ALA B 290 1.27 40.01 -11.46
CA ALA B 290 1.61 39.37 -10.18
C ALA B 290 1.30 37.87 -10.22
N GLU B 291 2.22 37.05 -9.69
CA GLU B 291 2.12 35.60 -9.61
C GLU B 291 2.30 35.11 -8.19
N GLU B 292 1.58 34.06 -7.87
CA GLU B 292 1.58 33.51 -6.54
C GLU B 292 1.27 32.03 -6.62
N LYS B 293 1.87 31.27 -5.70
CA LYS B 293 1.62 29.85 -5.56
C LYS B 293 1.68 29.14 -6.92
N GLY B 294 2.57 29.60 -7.81
CA GLY B 294 2.71 29.09 -9.20
C GLY B 294 1.76 29.65 -10.27
N GLY B 295 0.70 30.33 -9.88
CA GLY B 295 -0.18 30.91 -10.88
C GLY B 295 -0.06 32.42 -11.05
N ILE B 296 -0.77 32.93 -12.06
CA ILE B 296 -1.09 34.33 -12.17
C ILE B 296 -2.16 34.65 -11.12
N LYS B 297 -1.81 35.58 -10.22
CA LYS B 297 -2.65 35.94 -9.09
C LYS B 297 -3.90 36.65 -9.62
N THR B 298 -5.07 36.32 -9.05
CA THR B 298 -6.30 37.03 -9.35
C THR B 298 -7.11 37.33 -8.11
N ASP B 299 -8.07 38.23 -8.30
CA ASP B 299 -9.16 38.44 -7.35
C ASP B 299 -10.25 37.39 -7.57
N ALA B 300 -11.31 37.51 -6.78
CA ALA B 300 -12.49 36.66 -6.91
C ALA B 300 -13.33 36.91 -8.15
N PHE B 301 -12.83 37.72 -9.10
CA PHE B 301 -13.44 37.90 -10.42
C PHE B 301 -12.52 37.43 -11.51
N PHE B 302 -11.45 36.74 -11.14
CA PHE B 302 -10.43 36.31 -12.12
C PHE B 302 -9.73 37.43 -12.89
N GLU B 303 -9.73 38.64 -12.32
CA GLU B 303 -8.96 39.76 -12.85
C GLU B 303 -7.60 39.78 -12.18
N THR B 304 -6.58 40.08 -12.98
CA THR B 304 -5.16 40.04 -12.59
C THR B 304 -4.65 41.36 -11.94
N SER B 305 -3.31 41.55 -11.91
CA SER B 305 -2.64 42.84 -11.70
C SER B 305 -3.15 43.90 -12.62
N VAL B 306 -3.11 43.56 -13.92
CA VAL B 306 -3.27 44.51 -14.99
C VAL B 306 -4.75 44.60 -15.29
N PRO B 307 -5.38 45.74 -15.01
CA PRO B 307 -6.83 45.79 -15.27
C PRO B 307 -7.23 45.46 -16.71
N GLY B 308 -8.37 44.80 -16.84
CA GLY B 308 -8.86 44.35 -18.14
C GLY B 308 -8.14 43.11 -18.68
N VAL B 309 -7.27 42.51 -17.88
CA VAL B 309 -6.56 41.28 -18.20
C VAL B 309 -7.03 40.26 -17.16
N TYR B 310 -7.65 39.17 -17.62
CA TYR B 310 -8.20 38.11 -16.75
C TYR B 310 -7.46 36.80 -16.99
N ALA B 311 -7.37 35.97 -15.94
CA ALA B 311 -6.74 34.65 -16.01
C ALA B 311 -7.67 33.63 -15.39
N VAL B 312 -7.94 32.55 -16.12
CA VAL B 312 -8.92 31.55 -15.73
C VAL B 312 -8.35 30.13 -15.86
N GLY B 313 -9.08 29.18 -15.26
CA GLY B 313 -8.69 27.78 -15.36
C GLY B 313 -7.39 27.46 -14.65
N ASP B 314 -6.54 26.63 -15.26
CA ASP B 314 -5.34 26.06 -14.58
C ASP B 314 -4.31 27.12 -14.19
N VAL B 315 -4.26 28.23 -14.92
CA VAL B 315 -3.27 29.28 -14.67
C VAL B 315 -3.58 30.21 -13.53
N ALA B 316 -4.82 30.20 -13.04
CA ALA B 316 -5.26 31.22 -12.08
C ALA B 316 -4.90 30.80 -10.69
N THR B 317 -4.30 31.73 -9.93
CA THR B 317 -4.16 31.60 -8.48
C THR B 317 -5.17 32.61 -7.94
N PHE B 318 -6.25 32.13 -7.31
CA PHE B 318 -7.44 32.94 -6.96
C PHE B 318 -7.86 32.71 -5.50
N PRO B 319 -8.78 33.57 -4.97
CA PRO B 319 -9.11 33.43 -3.55
C PRO B 319 -10.17 32.37 -3.32
N MET B 320 -9.88 31.36 -2.50
CA MET B 320 -10.92 30.38 -2.19
C MET B 320 -11.70 30.72 -0.92
N LYS B 321 -12.65 31.67 -1.10
CA LYS B 321 -13.53 32.20 -0.03
C LYS B 321 -13.73 31.27 1.14
N MET B 322 -14.36 30.11 0.92
CA MET B 322 -14.75 29.22 2.04
C MET B 322 -13.61 28.59 2.89
N TYR B 323 -12.39 28.50 2.35
CA TYR B 323 -11.20 28.02 3.12
C TYR B 323 -10.22 29.12 3.53
N ASN B 324 -10.48 30.35 3.11
CA ASN B 324 -9.61 31.50 3.40
C ASN B 324 -8.14 31.23 3.05
N GLU B 325 -7.90 31.24 1.75
CA GLU B 325 -6.61 30.84 1.23
C GLU B 325 -6.60 31.21 -0.23
N LEU B 326 -5.46 31.69 -0.71
CA LEU B 326 -5.19 31.66 -2.13
C LEU B 326 -4.94 30.21 -2.49
N ARG B 327 -5.50 29.80 -3.64
CA ARG B 327 -5.34 28.45 -4.18
C ARG B 327 -5.31 28.47 -5.69
N ARG B 328 -4.65 27.47 -6.24
CA ARG B 328 -4.70 27.19 -7.66
C ARG B 328 -5.26 25.79 -7.80
N VAL B 329 -6.10 25.55 -8.79
CA VAL B 329 -6.59 24.19 -9.05
C VAL B 329 -6.47 23.87 -10.53
N GLU B 330 -6.31 22.60 -10.85
CA GLU B 330 -6.07 22.19 -12.24
C GLU B 330 -7.05 21.11 -12.59
N HIS B 331 -8.32 21.46 -12.51
CA HIS B 331 -9.39 20.53 -12.76
C HIS B 331 -10.53 21.17 -13.57
N VAL B 332 -11.36 20.32 -14.16
CA VAL B 332 -12.25 20.74 -15.23
C VAL B 332 -13.43 21.55 -14.77
N ASP B 333 -13.95 21.23 -13.60
CA ASP B 333 -15.07 22.01 -13.10
C ASP B 333 -14.75 23.50 -12.96
N HIS B 334 -13.56 23.76 -12.50
CA HIS B 334 -13.08 25.06 -12.20
C HIS B 334 -12.75 25.87 -13.47
N ALA B 335 -12.30 25.20 -14.51
CA ALA B 335 -12.05 25.78 -15.78
C ALA B 335 -13.33 26.31 -16.32
N ARG B 336 -14.39 25.49 -16.25
CA ARG B 336 -15.74 25.89 -16.74
C ARG B 336 -16.30 27.04 -15.93
N LYS B 337 -16.34 26.91 -14.61
CA LYS B 337 -16.91 27.96 -13.72
C LYS B 337 -16.07 29.28 -13.62
N SER B 338 -14.76 29.19 -13.57
CA SER B 338 -13.92 30.39 -13.55
C SER B 338 -13.99 31.16 -14.89
N ALA B 339 -14.08 30.44 -16.01
CA ALA B 339 -14.42 31.03 -17.31
C ALA B 339 -15.69 31.85 -17.28
N GLU B 340 -16.75 31.24 -16.80
CA GLU B 340 -18.04 31.93 -16.74
C GLU B 340 -17.96 33.12 -15.79
N GLN B 341 -17.31 32.96 -14.66
CA GLN B 341 -17.12 34.05 -13.68
C GLN B 341 -16.40 35.25 -14.26
N ALA B 342 -15.42 35.03 -15.13
CA ALA B 342 -14.65 36.11 -15.77
C ALA B 342 -15.52 36.86 -16.77
N VAL B 343 -16.28 36.13 -17.57
CA VAL B 343 -17.17 36.80 -18.52
C VAL B 343 -18.28 37.57 -17.79
N LYS B 344 -18.80 37.02 -16.69
CA LYS B 344 -19.83 37.71 -15.91
C LYS B 344 -19.28 39.00 -15.31
N ALA B 345 -18.03 38.97 -14.87
CA ALA B 345 -17.35 40.09 -14.26
C ALA B 345 -16.92 41.17 -15.25
N ILE B 346 -16.60 40.76 -16.47
CA ILE B 346 -16.35 41.70 -17.54
C ILE B 346 -17.64 42.50 -17.80
N LYS B 347 -18.74 41.79 -18.00
CA LYS B 347 -20.00 42.41 -18.34
C LYS B 347 -20.70 43.05 -17.15
N GLY B 348 -20.26 42.80 -15.93
CA GLY B 348 -20.76 43.49 -14.74
C GLY B 348 -20.14 44.88 -14.64
N LYS B 349 -18.90 45.04 -15.13
CA LYS B 349 -18.27 46.36 -15.15
C LYS B 349 -18.85 47.23 -16.30
N GLU B 350 -19.01 46.64 -17.50
CA GLU B 350 -19.49 47.37 -18.71
C GLU B 350 -20.52 48.56 -18.55
N SER B 351 -21.83 48.43 -18.28
CA SER B 351 -22.65 47.32 -17.83
C SER B 351 -23.43 47.84 -16.65
N GLY B 352 -22.68 48.31 -15.64
CA GLY B 352 -23.19 48.71 -14.33
C GLY B 352 -23.34 47.59 -13.26
N GLU B 353 -23.88 46.41 -13.64
CA GLU B 353 -24.27 45.33 -12.66
C GLU B 353 -23.21 44.90 -11.58
N SER B 354 -23.71 44.39 -10.44
CA SER B 354 -22.87 43.94 -9.32
C SER B 354 -22.80 42.39 -9.41
N VAL B 355 -21.60 41.83 -9.36
CA VAL B 355 -21.38 40.38 -9.56
C VAL B 355 -20.97 39.74 -8.25
N VAL B 356 -21.58 38.61 -7.90
CA VAL B 356 -21.18 37.89 -6.69
C VAL B 356 -19.78 37.36 -6.90
N GLU B 357 -19.00 37.41 -5.82
CA GLU B 357 -17.68 36.84 -5.83
C GLU B 357 -17.77 35.30 -5.90
N TYR B 358 -16.78 34.73 -6.61
CA TYR B 358 -16.57 33.28 -6.76
C TYR B 358 -16.56 32.57 -5.42
N ASP B 359 -17.47 31.60 -5.26
CA ASP B 359 -17.60 30.78 -4.07
C ASP B 359 -17.51 29.33 -4.53
N TYR B 360 -16.28 28.93 -4.84
CA TYR B 360 -16.03 27.66 -5.51
C TYR B 360 -15.88 26.57 -4.49
N LEU B 361 -16.66 25.52 -4.66
CA LEU B 361 -16.57 24.29 -3.92
C LEU B 361 -15.74 23.31 -4.75
N PRO B 362 -14.57 22.87 -4.23
CA PRO B 362 -13.80 21.93 -5.04
C PRO B 362 -14.57 20.66 -5.38
N TYR B 363 -14.54 20.31 -6.66
CA TYR B 363 -15.05 19.05 -7.18
C TYR B 363 -14.01 18.43 -8.13
N PHE B 364 -13.58 17.22 -7.82
CA PHE B 364 -12.69 16.43 -8.66
C PHE B 364 -13.36 15.05 -8.84
N PHE B 365 -12.92 14.30 -9.83
CA PHE B 365 -13.43 13.02 -10.11
C PHE B 365 -12.53 12.34 -11.09
N SER B 366 -12.76 11.05 -11.30
CA SER B 366 -11.97 10.24 -12.25
C SER B 366 -12.75 8.97 -12.49
N ARG B 367 -12.50 8.29 -13.58
CA ARG B 367 -13.05 7.00 -13.78
C ARG B 367 -12.23 6.25 -14.76
N SER B 368 -12.29 4.94 -14.63
CA SER B 368 -11.53 4.03 -15.46
C SER B 368 -12.09 2.64 -15.12
N PHE B 369 -11.82 1.63 -15.98
CA PHE B 369 -12.51 0.33 -15.91
C PHE B 369 -13.98 0.60 -15.72
N ASP B 370 -14.66 -0.01 -14.76
CA ASP B 370 -16.07 0.27 -14.45
C ASP B 370 -16.27 1.14 -13.21
N LEU B 371 -15.20 1.80 -12.77
CA LEU B 371 -15.20 2.55 -11.50
C LEU B 371 -15.35 4.04 -11.79
N GLY B 372 -15.86 4.80 -10.86
CA GLY B 372 -15.79 6.24 -10.99
C GLY B 372 -16.08 6.89 -9.70
N TRP B 373 -15.26 7.88 -9.33
CA TRP B 373 -15.42 8.54 -8.04
C TRP B 373 -15.52 10.03 -8.18
N GLN B 374 -16.16 10.65 -7.18
CA GLN B 374 -16.19 12.09 -6.98
C GLN B 374 -15.79 12.48 -5.59
N PHE B 375 -15.25 13.69 -5.48
CA PHE B 375 -14.70 14.25 -4.28
C PHE B 375 -15.15 15.68 -4.18
N TYR B 376 -15.62 16.10 -3.01
CA TYR B 376 -15.92 17.49 -2.77
C TYR B 376 -15.35 18.07 -1.50
N GLY B 377 -15.03 19.36 -1.56
CA GLY B 377 -14.59 20.13 -0.43
C GLY B 377 -13.09 20.17 -0.30
N ASP B 378 -12.59 19.84 0.88
CA ASP B 378 -11.15 19.96 1.18
C ASP B 378 -10.76 18.76 1.97
N ASN B 379 -9.64 18.16 1.60
CA ASN B 379 -9.16 16.94 2.24
C ASN B 379 -8.17 17.25 3.35
N VAL B 380 -8.69 17.74 4.45
CA VAL B 380 -7.86 18.07 5.61
C VAL B 380 -8.49 17.53 6.87
N GLY B 381 -7.61 17.14 7.80
CA GLY B 381 -8.02 16.68 9.11
C GLY B 381 -7.82 15.21 9.09
N ASP B 382 -8.70 14.49 9.77
CA ASP B 382 -8.55 13.06 9.86
C ASP B 382 -9.79 12.47 9.23
N THR B 383 -9.71 11.20 8.83
CA THR B 383 -10.66 10.55 7.93
C THR B 383 -11.27 9.26 8.42
N ILE B 384 -12.59 9.13 8.30
CA ILE B 384 -13.19 7.78 8.48
C ILE B 384 -13.60 7.21 7.13
N LEU B 385 -13.61 5.90 7.04
CA LEU B 385 -13.95 5.19 5.81
C LEU B 385 -15.27 4.41 5.99
N PHE B 386 -16.24 4.64 5.09
CA PHE B 386 -17.55 4.00 5.17
C PHE B 386 -17.92 3.23 3.93
N GLY B 387 -19.01 2.45 4.03
CA GLY B 387 -19.53 1.66 2.91
C GLY B 387 -18.64 0.46 2.71
N ASP B 388 -18.72 -0.14 1.52
CA ASP B 388 -17.94 -1.34 1.12
C ASP B 388 -17.26 -1.04 -0.24
N SER B 389 -15.94 -1.11 -0.49
CA SER B 389 -14.70 -1.37 0.29
C SER B 389 -13.98 -2.53 -0.43
N ASP B 390 -14.74 -3.54 -0.84
CA ASP B 390 -14.15 -4.75 -1.40
C ASP B 390 -13.93 -4.59 -2.90
N PRO B 391 -12.68 -4.78 -3.38
CA PRO B 391 -12.38 -4.63 -4.80
C PRO B 391 -13.02 -5.68 -5.72
N THR B 392 -13.32 -6.87 -5.18
CA THR B 392 -14.03 -7.90 -5.93
C THR B 392 -15.56 -7.68 -5.96
N SER B 393 -16.15 -6.84 -5.09
CA SER B 393 -17.62 -6.50 -5.15
C SER B 393 -18.10 -6.23 -6.57
N ALA B 394 -19.36 -6.58 -6.81
CA ALA B 394 -19.96 -6.42 -8.12
C ALA B 394 -20.05 -4.93 -8.45
N LYS B 395 -20.59 -4.15 -7.51
CA LYS B 395 -20.81 -2.71 -7.72
C LYS B 395 -20.26 -2.03 -6.48
N PRO B 396 -18.95 -1.72 -6.49
CA PRO B 396 -18.34 -1.17 -5.27
C PRO B 396 -18.93 0.19 -4.93
N LYS B 397 -19.24 0.44 -3.67
CA LYS B 397 -19.72 1.75 -3.28
C LYS B 397 -19.31 2.05 -1.84
N PHE B 398 -18.24 2.84 -1.71
CA PHE B 398 -17.71 3.31 -0.42
C PHE B 398 -17.30 4.77 -0.55
N GLY B 399 -16.91 5.36 0.55
CA GLY B 399 -16.53 6.73 0.60
C GLY B 399 -15.69 6.94 1.83
N SER B 400 -15.59 8.21 2.21
CA SER B 400 -14.63 8.68 3.18
C SER B 400 -15.03 10.09 3.48
N TYR B 401 -14.96 10.51 4.74
CA TYR B 401 -15.13 11.93 5.10
C TYR B 401 -13.86 12.42 5.73
N TRP B 402 -13.56 13.70 5.54
CA TRP B 402 -12.45 14.34 6.22
C TRP B 402 -13.07 15.27 7.27
N ILE B 403 -12.65 15.11 8.53
CA ILE B 403 -13.23 15.83 9.66
C ILE B 403 -12.15 16.70 10.28
N LYS B 404 -12.48 17.97 10.52
CA LYS B 404 -11.57 18.94 11.20
C LYS B 404 -12.35 19.93 12.07
N ASP B 405 -11.89 20.11 13.31
CA ASP B 405 -12.52 21.03 14.25
C ASP B 405 -14.00 20.74 14.41
N GLY B 406 -14.32 19.47 14.66
CA GLY B 406 -15.69 19.04 14.84
C GLY B 406 -16.63 19.14 13.65
N LYS B 407 -16.11 19.42 12.46
CA LYS B 407 -16.91 19.55 11.20
C LYS B 407 -16.39 18.61 10.07
N VAL B 408 -17.27 18.23 9.11
CA VAL B 408 -16.85 17.50 7.86
C VAL B 408 -16.50 18.52 6.75
N LEU B 409 -15.26 18.47 6.26
CA LEU B 409 -14.81 19.44 5.25
C LEU B 409 -14.66 18.84 3.86
N GLY B 410 -14.40 17.55 3.78
CA GLY B 410 -14.33 16.86 2.51
C GLY B 410 -15.15 15.60 2.47
N ALA B 411 -15.67 15.29 1.28
CA ALA B 411 -16.33 14.03 1.07
C ALA B 411 -15.91 13.39 -0.24
N PHE B 412 -15.74 12.08 -0.16
CA PHE B 412 -15.37 11.27 -1.27
C PHE B 412 -16.37 10.20 -1.36
N LEU B 413 -16.66 9.76 -2.58
CA LEU B 413 -17.55 8.65 -2.85
C LEU B 413 -17.21 7.96 -4.20
N GLU B 414 -17.05 6.64 -4.17
CA GLU B 414 -16.88 5.81 -5.35
C GLU B 414 -18.17 5.10 -5.61
N GLY B 415 -18.62 5.11 -6.85
CA GLY B 415 -19.79 4.35 -7.25
C GLY B 415 -21.11 4.91 -6.79
N GLY B 416 -21.16 6.19 -6.45
CA GLY B 416 -22.40 6.83 -6.07
C GLY B 416 -23.39 7.04 -7.19
N SER B 417 -24.66 7.10 -6.80
CA SER B 417 -25.79 7.51 -7.63
C SER B 417 -25.79 9.04 -7.73
N PRO B 418 -26.59 9.62 -8.63
CA PRO B 418 -26.61 11.10 -8.69
C PRO B 418 -27.05 11.79 -7.38
N ASP B 419 -28.02 11.21 -6.68
CA ASP B 419 -28.47 11.79 -5.41
C ASP B 419 -27.44 11.63 -4.29
N GLU B 420 -26.69 10.53 -4.28
CA GLU B 420 -25.66 10.29 -3.27
C GLU B 420 -24.54 11.26 -3.50
N ASN B 421 -24.10 11.34 -4.75
CA ASN B 421 -23.17 12.40 -5.18
C ASN B 421 -23.64 13.83 -4.82
N LYS B 422 -24.89 14.18 -5.12
CA LYS B 422 -25.44 15.49 -4.69
C LYS B 422 -25.31 15.69 -3.16
N ALA B 423 -25.58 14.62 -2.42
CA ALA B 423 -25.65 14.69 -0.96
C ALA B 423 -24.27 14.93 -0.31
N ILE B 424 -23.25 14.16 -0.76
CA ILE B 424 -21.86 14.40 -0.28
C ILE B 424 -21.31 15.78 -0.70
N ALA B 425 -21.81 16.30 -1.81
CA ALA B 425 -21.58 17.70 -2.17
C ALA B 425 -22.26 18.67 -1.20
N LYS B 426 -23.48 18.33 -0.77
CA LYS B 426 -24.15 19.19 0.22
C LYS B 426 -23.35 19.15 1.54
N VAL B 427 -22.97 17.96 1.97
CA VAL B 427 -22.07 17.82 3.10
C VAL B 427 -20.89 18.76 2.94
N ALA B 428 -20.10 18.59 1.87
CA ALA B 428 -18.88 19.39 1.75
C ALA B 428 -19.13 20.92 1.73
N LYS B 429 -20.27 21.36 1.22
CA LYS B 429 -20.66 22.79 1.24
C LYS B 429 -21.15 23.32 2.60
N THR B 430 -21.98 22.57 3.33
CA THR B 430 -22.55 23.06 4.60
C THR B 430 -21.66 22.78 5.83
N GLN B 431 -20.80 21.78 5.75
CA GLN B 431 -19.85 21.45 6.83
C GLN B 431 -20.56 21.16 8.16
N PRO B 432 -21.40 20.12 8.19
CA PRO B 432 -22.17 19.83 9.40
C PRO B 432 -21.25 19.30 10.50
N PRO B 433 -21.66 19.33 11.80
CA PRO B 433 -20.79 18.77 12.85
C PRO B 433 -21.14 17.33 13.32
N GLU B 438 -20.30 11.58 16.45
CA GLU B 438 -19.39 10.52 16.02
C GLU B 438 -20.13 9.19 16.12
N GLU B 439 -19.49 8.11 15.69
CA GLU B 439 -20.13 6.81 15.45
C GLU B 439 -21.03 6.96 14.22
N LEU B 440 -20.37 6.91 13.07
CA LEU B 440 -20.97 7.09 11.76
C LEU B 440 -20.96 5.73 11.06
N LYS B 441 -19.75 5.23 10.75
CA LYS B 441 -19.49 3.95 10.02
C LYS B 441 -20.05 2.72 10.77
N GLY B 444 -23.07 5.90 7.52
CA GLY B 444 -22.04 6.24 6.53
C GLY B 444 -22.52 7.25 5.48
N LEU B 445 -23.01 6.73 4.34
CA LEU B 445 -23.66 7.58 3.33
C LEU B 445 -24.97 8.16 3.85
N GLN B 446 -25.64 7.38 4.70
CA GLN B 446 -26.85 7.79 5.40
C GLN B 446 -26.74 9.14 6.10
N PHE B 447 -25.58 9.43 6.68
CA PHE B 447 -25.35 10.76 7.23
C PHE B 447 -25.60 11.88 6.22
N ALA B 448 -25.13 11.64 4.99
CA ALA B 448 -25.25 12.62 3.90
C ALA B 448 -26.70 12.82 3.47
N SER B 449 -27.47 11.74 3.35
CA SER B 449 -28.89 11.86 2.95
C SER B 449 -29.79 12.68 3.93
N LYS B 450 -29.17 13.37 4.89
CA LYS B 450 -29.83 14.24 5.86
C LYS B 450 -29.12 15.61 5.82
PA FAD C . 8.66 -25.57 18.66
O1A FAD C . 8.39 -25.76 17.25
O2A FAD C . 9.69 -24.66 19.08
O5B FAD C . 9.04 -26.98 19.28
C5B FAD C . 8.47 -28.21 18.85
C4B FAD C . 9.47 -29.33 19.02
O4B FAD C . 8.80 -30.57 19.12
C3B FAD C . 10.32 -29.49 17.80
O3B FAD C . 11.58 -29.93 18.22
C2B FAD C . 9.68 -30.58 17.02
O2B FAD C . 10.69 -31.22 16.28
C1B FAD C . 9.24 -31.47 18.13
N9A FAD C . 8.11 -32.34 17.79
C8A FAD C . 6.95 -31.96 17.28
N7A FAD C . 6.12 -33.00 17.13
C5A FAD C . 6.76 -34.06 17.55
C6A FAD C . 6.42 -35.49 17.66
N6A FAD C . 5.22 -35.94 17.27
N1A FAD C . 7.35 -36.29 18.16
C2A FAD C . 8.54 -35.83 18.54
N3A FAD C . 8.90 -34.56 18.48
C4A FAD C . 8.06 -33.64 17.98
N1 FAD C . 8.07 -15.84 17.11
C2 FAD C . 8.33 -14.61 17.51
O2 FAD C . 7.68 -14.13 18.42
N3 FAD C . 9.27 -13.86 17.00
C4 FAD C . 10.03 -14.30 16.02
O4 FAD C . 10.91 -13.59 15.56
C4X FAD C . 9.80 -15.63 15.51
N5 FAD C . 10.54 -16.10 14.53
C5X FAD C . 10.31 -17.32 14.09
C6 FAD C . 11.10 -17.76 13.06
C7 FAD C . 10.92 -19.01 12.56
C7M FAD C . 11.78 -19.50 11.44
C8 FAD C . 9.87 -19.87 13.12
C8M FAD C . 9.70 -21.22 12.54
C9 FAD C . 9.08 -19.42 14.14
C9A FAD C . 9.25 -18.17 14.67
N10 FAD C . 8.48 -17.70 15.73
C10 FAD C . 8.75 -16.41 16.13
C1' FAD C . 7.37 -18.38 16.40
C2' FAD C . 7.45 -19.66 17.25
O2' FAD C . 6.44 -19.64 18.23
C3' FAD C . 8.68 -19.89 18.06
O3' FAD C . 9.71 -19.87 17.10
C4' FAD C . 8.69 -21.19 18.91
O4' FAD C . 9.41 -22.24 18.32
C5' FAD C . 7.42 -21.90 19.33
O5' FAD C . 7.89 -22.93 20.21
P FAD C . 7.23 -24.31 20.63
O1P FAD C . 8.03 -24.92 21.68
O2P FAD C . 5.82 -24.11 20.90
O3P FAD C . 7.32 -25.18 19.33
PA NAD D . 2.13 -16.71 8.46
O1A NAD D . 0.86 -17.30 9.03
O2A NAD D . 2.95 -15.62 9.18
O5B NAD D . 1.82 -16.21 6.97
C5B NAD D . 0.66 -16.63 6.29
C4B NAD D . 0.76 -15.94 4.95
O4B NAD D . 0.99 -16.90 3.90
C3B NAD D . -0.47 -15.11 4.63
O3B NAD D . -0.27 -13.73 4.98
C2B NAD D . -0.68 -15.27 3.13
O2B NAD D . -0.50 -14.00 2.44
C1B NAD D . 0.35 -16.33 2.72
N9A NAD D . -0.29 -17.43 1.96
C8A NAD D . -1.19 -18.30 2.48
N7A NAD D . -1.54 -19.24 1.57
C5A NAD D . -0.84 -18.95 0.45
C6A NAD D . -0.74 -19.51 -0.90
N6A NAD D . -1.48 -20.60 -1.24
N1A NAD D . 0.10 -18.90 -1.76
C2A NAD D . 0.86 -17.82 -1.46
N3A NAD D . 0.82 -17.27 -0.25
C4A NAD D . 0.01 -17.77 0.72
O3 NAD D . 3.00 -18.04 8.11
PN NAD D . 4.58 -18.06 7.94
O1N NAD D . 5.01 -16.60 7.62
O2N NAD D . 4.92 -19.21 7.01
O5D NAD D . 5.03 -18.43 9.46
C5D NAD D . 4.98 -19.81 9.90
C4D NAD D . 5.09 -19.95 11.40
O4D NAD D . 6.35 -19.42 11.80
C3D NAD D . 4.06 -19.14 12.17
O3D NAD D . 3.73 -19.87 13.34
C2D NAD D . 4.74 -17.84 12.50
O2D NAD D . 4.25 -17.22 13.71
C1D NAD D . 6.19 -18.27 12.64
N1N NAD D . 7.19 -17.18 12.39
C2N NAD D . 7.12 -16.06 13.16
C3N NAD D . 8.03 -14.99 13.01
C7N NAD D . 7.86 -13.77 13.92
O7N NAD D . 6.94 -13.72 14.73
N7N NAD D . 8.71 -12.71 13.86
C4N NAD D . 9.08 -15.14 12.06
C5N NAD D . 9.14 -16.30 11.26
C6N NAD D . 8.18 -17.31 11.46
C1 ASC E . 14.90 -11.76 20.38
C2 ASC E . 14.20 -12.97 20.77
C3 ASC E . 14.76 -13.92 20.10
C4 ASC E . 16.05 -13.47 19.44
C5 ASC E . 16.48 -14.47 18.34
C6 ASC E . 17.15 -15.69 18.99
O1 ASC E . 14.85 -10.74 21.05
O2 ASC E . 13.25 -13.09 21.67
O3 ASC E . 14.30 -15.10 20.03
O4 ASC E . 15.73 -12.06 19.21
O5 ASC E . 17.39 -14.02 17.32
O6 ASC E . 18.48 -15.41 19.50
PA FAD F . -6.67 23.82 -21.35
O1A FAD F . -5.43 23.08 -21.46
O2A FAD F . -7.94 23.14 -21.40
O5B FAD F . -6.69 24.83 -22.52
C5B FAD F . -5.54 25.58 -22.81
C4B FAD F . -5.52 25.96 -24.27
O4B FAD F . -4.61 27.01 -24.48
C3B FAD F . -5.03 24.83 -25.10
O3B FAD F . -5.79 24.83 -26.27
C2B FAD F . -3.65 25.20 -25.50
O2B FAD F . -3.39 24.64 -26.77
C1B FAD F . -3.81 26.69 -25.59
N9A FAD F . -2.53 27.42 -25.49
C8A FAD F . -1.63 27.32 -24.52
N7A FAD F . -0.60 28.15 -24.76
C5A FAD F . -0.83 28.79 -25.90
C6A FAD F . -0.15 29.80 -26.71
N6A FAD F . 1.05 30.32 -26.38
N1A FAD F . -0.74 30.21 -27.82
C2A FAD F . -1.91 29.70 -28.19
N3A FAD F . -2.58 28.79 -27.49
C4A FAD F . -2.10 28.30 -26.36
N1 FAD F . -9.97 17.32 -14.95
C2 FAD F . -11.00 16.79 -14.30
O2 FAD F . -11.58 17.45 -13.46
N3 FAD F . -11.43 15.57 -14.52
C4 FAD F . -10.86 14.81 -15.40
O4 FAD F . -11.27 13.69 -15.59
C4X FAD F . -9.73 15.32 -16.16
N5 FAD F . -9.13 14.57 -17.07
C5X FAD F . -8.11 15.04 -17.76
C6 FAD F . -7.52 14.23 -18.68
C7 FAD F . -6.46 14.72 -19.39
C7M FAD F . -5.75 13.91 -20.42
C8 FAD F . -5.98 16.07 -19.16
C8M FAD F . -4.82 16.58 -19.95
C9 FAD F . -6.58 16.87 -18.23
C9A FAD F . -7.64 16.41 -17.50
N10 FAD F . -8.23 17.21 -16.54
C10 FAD F . -9.31 16.67 -15.88
C1' FAD F . -7.82 18.62 -16.35
C2' FAD F . -8.76 19.38 -17.36
O2' FAD F . -8.74 18.68 -18.59
C3' FAD F . -8.76 20.89 -17.76
O3' FAD F . -8.49 21.21 -19.12
C4' FAD F . -7.88 21.84 -17.05
O4' FAD F . -8.10 21.52 -15.69
C5' FAD F . -8.30 23.29 -17.40
O5' FAD F . -8.41 23.64 -18.79
P FAD F . -7.94 25.05 -19.36
O1P FAD F . -8.84 25.56 -20.37
O2P FAD F . -7.58 25.92 -18.28
O3P FAD F . -6.63 24.72 -20.10
PA NAD G . -0.24 14.60 -11.27
O1A NAD G . 0.43 15.67 -10.44
O2A NAD G . -1.75 14.33 -11.19
O5B NAD G . 0.70 13.30 -11.19
C5B NAD G . 2.05 13.41 -10.71
C4B NAD G . 2.44 12.04 -10.21
O4B NAD G . 3.53 11.56 -10.96
C3B NAD G . 2.84 11.97 -8.74
O3B NAD G . 1.69 11.76 -7.89
C2B NAD G . 3.82 10.82 -8.65
O2B NAD G . 3.21 9.55 -8.36
C1B NAD G . 4.35 10.80 -10.06
N9A NAD G . 5.63 11.47 -10.25
C8A NAD G . 5.92 12.78 -10.08
N7A NAD G . 7.21 12.99 -10.46
C5A NAD G . 7.72 11.81 -10.90
C6A NAD G . 9.01 11.31 -11.47
N6A NAD G . 10.10 12.11 -11.65
N1A NAD G . 9.04 10.01 -11.78
C2A NAD G . 8.01 9.13 -11.63
N3A NAD G . 6.81 9.52 -11.13
C4A NAD G . 6.63 10.82 -10.78
O3 NAD G . 0.00 14.88 -12.81
PN NAD G . -0.58 14.00 -14.01
O1N NAD G . -1.30 12.68 -13.55
O2N NAD G . 0.47 13.96 -15.13
O5D NAD G . -1.69 15.04 -14.52
C5D NAD G . -1.38 16.10 -15.43
C4D NAD G . -2.51 17.15 -15.37
O4D NAD G . -3.70 16.61 -15.95
C3D NAD G . -2.96 17.60 -13.98
O3D NAD G . -3.23 18.99 -14.11
C2D NAD G . -4.26 16.90 -13.64
O2D NAD G . -5.22 17.75 -12.98
C1D NAD G . -4.79 16.59 -15.00
N1N NAD G . -5.62 15.39 -15.09
C2N NAD G . -6.74 15.32 -14.32
C3N NAD G . -7.56 14.24 -14.38
C7N NAD G . -8.78 14.17 -13.45
O7N NAD G . -9.01 15.11 -12.67
N7N NAD G . -9.61 13.08 -13.48
C4N NAD G . -7.25 13.22 -15.29
C5N NAD G . -6.14 13.31 -16.09
C6N NAD G . -5.32 14.43 -16.00
C1 ASC H . -17.39 14.28 -16.91
C2 ASC H . -17.17 15.68 -17.27
C3 ASC H . -16.42 15.62 -18.41
C4 ASC H . -16.61 14.27 -19.07
C5 ASC H . -15.62 14.02 -20.23
C6 ASC H . -16.10 14.78 -21.47
O1 ASC H . -18.09 13.92 -15.95
O2 ASC H . -17.66 16.75 -16.61
O3 ASC H . -15.62 16.55 -18.91
O4 ASC H . -16.69 13.40 -17.89
O5 ASC H . -15.48 12.65 -20.62
O6 ASC H . -17.08 14.02 -22.13
#